data_6EE6
#
_entry.id   6EE6
#
_cell.length_a   75.550
_cell.length_b   108.610
_cell.length_c   117.790
_cell.angle_alpha   90.000
_cell.angle_beta   90.000
_cell.angle_gamma   90.000
#
_symmetry.space_group_name_H-M   'P 21 21 21'
#
loop_
_entity.id
_entity.type
_entity.pdbx_description
1 polymer 'M1 family aminopeptidase'
2 non-polymer 'ZINC ION'
3 non-polymer "(2R)-2-[(cyclopentylacetyl)amino]-N-hydroxy-2-(3',4',5'-trifluoro[1,1'-biphenyl]-4-yl)acetamide"
4 non-polymer GLYCEROL
5 non-polymer 'MAGNESIUM ION'
6 water water
#
_entity_poly.entity_id   1
_entity_poly.type   'polypeptide(L)'
_entity_poly.pdbx_seq_one_letter_code
;PKIHYRKDYKPSGFIINQVTLNINIHDQETIVRSVLDMDISKHNVGEDLVFDGVGLKINEISINNKKLVEGEEYTYDNEF
LTIFSKFVPKSKFAFSSEVIIHPETNYALTGLYKSKNIIVSQCEATGFRRITFFIDRPDMMAKYDVTVTADKEKYPVLLS
NGDKVNEFEIPGGRHGARFNDPPLKPCYLFAVVAGDLKHLSATYITKYTKKKVELYVFSEEKYVSKLQWALECLKKSMAF
DEDYFGLEYDLSRLNLVAVSDFNVGAMENKGLNIFNANSLLASKKNSIDFSYARILTVVGHEYFHQYTGNRVTLRDWFQL
TLKEGLTVHRENLFSEEMTKTVTTRLSHVDLLRSVQFLEDSSPLSHPIRPESYVSMENFYTTTVYDKGSEVMRMYLTILG
EEYYKKGFDIYIKKNDGNTATCEDFNYAMEQAYKMKKADNSANLNQYLLWFSQSGTPHVSFKYNYDAEKKQYSIHVNQYT
KPDENQKEKKPLFIPISVGLINPENGKEMISQTTLELTKESDTFVFNNIAVKPIPSLFRGFSAPVYIEDQLTDEERILLL
KYDSDAFVRYNSCTNIYMKQILMNYNEFLKAKNEKLESFQLTPVNAQFIDAIKYLLEDPHADAGFKSYIVSLPQDRYIIN
FVSNLDTDVLADTKEYIYKQIGDKLNDVYYKMFKSLEAKADDLTYFNDESHVDFDQMNMRTLRNTLLSLLSKAQYPNILN
EIIEHSKSPYPSNWLTSLSVSAYFDKYFELYDKTYKLSKDDELLLQEWLKTVSRSDRKDIYEILKKLENEVLKDSKNPND
IRAVYLPFTNNLRRFHDISGKGYKLIAEVITKTDKFNPMVATQLCEPFKLWNKLDTKRQELMLNEMNTMLQEPQISNNLK
EYLLRLTNK
;
_entity_poly.pdbx_strand_id   A
#
# COMPACT_ATOMS: atom_id res chain seq x y z
N PRO A 1 8.61 6.51 -27.12
CA PRO A 1 7.93 6.57 -25.83
C PRO A 1 7.77 8.00 -25.32
N LYS A 2 6.53 8.48 -25.24
CA LYS A 2 6.30 9.86 -24.83
C LYS A 2 6.57 10.03 -23.34
N ILE A 3 7.36 11.05 -23.00
CA ILE A 3 7.63 11.42 -21.62
C ILE A 3 6.79 12.65 -21.30
N HIS A 4 5.99 12.57 -20.26
CA HIS A 4 5.22 13.70 -19.80
C HIS A 4 5.99 14.41 -18.69
N TYR A 5 6.07 15.73 -18.76
CA TYR A 5 6.84 16.53 -17.81
C TYR A 5 5.92 17.40 -16.98
N ARG A 6 6.15 17.41 -15.67
CA ARG A 6 5.30 18.19 -14.76
C ARG A 6 5.27 19.66 -15.15
N LYS A 7 6.42 20.21 -15.55
CA LYS A 7 6.50 21.62 -15.88
C LYS A 7 5.72 21.97 -17.15
N ASP A 8 5.29 20.98 -17.93
CA ASP A 8 4.64 21.23 -19.20
C ASP A 8 3.12 21.36 -19.08
N TYR A 9 2.57 21.34 -17.87
CA TYR A 9 1.11 21.39 -17.73
C TYR A 9 0.55 22.62 -18.41
N LYS A 10 -0.51 22.41 -19.22
CA LYS A 10 -1.24 23.49 -19.84
C LYS A 10 -2.69 23.07 -19.93
N PRO A 11 -3.62 23.98 -19.63
CA PRO A 11 -5.04 23.64 -19.78
C PRO A 11 -5.38 23.34 -21.23
N SER A 12 -6.40 22.49 -21.42
CA SER A 12 -6.82 22.08 -22.75
C SER A 12 -7.48 23.22 -23.52
N GLY A 13 -7.33 23.17 -24.85
CA GLY A 13 -8.08 24.06 -25.73
C GLY A 13 -9.54 23.72 -25.88
N PHE A 14 -10.01 22.66 -25.21
CA PHE A 14 -11.38 22.21 -25.31
C PHE A 14 -11.97 22.02 -23.93
N ILE A 15 -13.31 21.94 -23.92
CA ILE A 15 -14.10 21.69 -22.72
C ILE A 15 -15.08 20.57 -23.06
N ILE A 16 -15.25 19.64 -22.14
CA ILE A 16 -16.30 18.62 -22.22
C ILE A 16 -17.27 18.89 -21.08
N ASN A 17 -18.49 19.29 -21.41
CA ASN A 17 -19.44 19.67 -20.37
C ASN A 17 -20.36 18.53 -19.98
N GLN A 18 -20.74 17.69 -20.94
CA GLN A 18 -21.68 16.61 -20.68
C GLN A 18 -21.26 15.35 -21.41
N VAL A 19 -21.35 14.22 -20.73
CA VAL A 19 -21.11 12.90 -21.30
C VAL A 19 -22.43 12.15 -21.22
N THR A 20 -22.91 11.64 -22.35
CA THR A 20 -24.10 10.78 -22.36
C THR A 20 -23.69 9.45 -23.00
N LEU A 21 -23.68 8.41 -22.19
CA LEU A 21 -23.20 7.09 -22.58
C LEU A 21 -24.34 6.10 -22.69
N ASN A 22 -24.25 5.24 -23.70
CA ASN A 22 -25.05 4.01 -23.79
C ASN A 22 -24.06 2.85 -23.91
N ILE A 23 -24.01 1.99 -22.90
CA ILE A 23 -23.12 0.85 -22.85
C ILE A 23 -23.98 -0.40 -22.98
N ASN A 24 -23.91 -1.07 -24.14
CA ASN A 24 -24.77 -2.21 -24.43
C ASN A 24 -23.92 -3.47 -24.41
N ILE A 25 -24.07 -4.26 -23.35
CA ILE A 25 -23.24 -5.45 -23.14
C ILE A 25 -23.87 -6.62 -23.88
N HIS A 26 -23.11 -7.25 -24.77
CA HIS A 26 -23.58 -8.43 -25.47
C HIS A 26 -22.63 -9.59 -25.21
N ASP A 27 -22.97 -10.76 -25.76
CA ASP A 27 -22.24 -11.97 -25.41
C ASP A 27 -20.78 -11.92 -25.88
N GLN A 28 -20.54 -11.47 -27.11
CA GLN A 28 -19.21 -11.49 -27.70
CA GLN A 28 -19.20 -11.49 -27.68
C GLN A 28 -18.58 -10.11 -27.82
N GLU A 29 -19.29 -9.05 -27.46
CA GLU A 29 -18.80 -7.69 -27.62
C GLU A 29 -19.67 -6.77 -26.79
N THR A 30 -19.14 -5.57 -26.57
CA THR A 30 -19.88 -4.50 -25.90
C THR A 30 -19.82 -3.28 -26.79
N ILE A 31 -20.98 -2.70 -27.07
CA ILE A 31 -21.09 -1.53 -27.93
C ILE A 31 -21.27 -0.31 -27.05
N VAL A 32 -20.46 0.71 -27.29
CA VAL A 32 -20.46 1.92 -26.47
C VAL A 32 -20.77 3.09 -27.36
N ARG A 33 -21.93 3.72 -27.13
CA ARG A 33 -22.31 4.95 -27.80
CA ARG A 33 -22.31 4.95 -27.80
C ARG A 33 -22.11 6.11 -26.83
N SER A 34 -21.51 7.19 -27.33
CA SER A 34 -21.17 8.32 -26.48
C SER A 34 -21.44 9.62 -27.23
N VAL A 35 -22.12 10.55 -26.58
CA VAL A 35 -22.27 11.91 -27.06
C VAL A 35 -21.59 12.83 -26.06
N LEU A 36 -20.64 13.62 -26.54
CA LEU A 36 -19.91 14.59 -25.73
C LEU A 36 -20.37 15.98 -26.11
N ASP A 37 -20.97 16.70 -25.17
CA ASP A 37 -21.32 18.09 -25.42
C ASP A 37 -20.12 18.93 -25.06
N MET A 38 -19.56 19.61 -26.05
CA MET A 38 -18.23 20.16 -25.96
C MET A 38 -18.24 21.65 -26.29
N ASP A 39 -17.12 22.29 -25.97
CA ASP A 39 -16.95 23.72 -26.23
C ASP A 39 -15.47 24.00 -26.46
N ILE A 40 -15.21 25.20 -26.96
CA ILE A 40 -13.87 25.70 -27.21
C ILE A 40 -13.45 26.50 -25.97
N SER A 41 -12.28 26.18 -25.42
CA SER A 41 -11.82 26.89 -24.24
C SER A 41 -11.07 28.17 -24.61
N LYS A 42 -10.83 29.01 -23.60
CA LYS A 42 -10.12 30.26 -23.84
C LYS A 42 -8.66 30.03 -24.24
N HIS A 43 -8.13 28.84 -24.00
CA HIS A 43 -6.77 28.49 -24.36
C HIS A 43 -6.64 27.92 -25.76
N ASN A 44 -7.75 27.73 -26.45
CA ASN A 44 -7.73 27.15 -27.79
C ASN A 44 -6.99 28.06 -28.76
N VAL A 45 -6.18 27.47 -29.64
CA VAL A 45 -5.45 28.21 -30.65
C VAL A 45 -5.70 27.61 -32.04
N GLY A 46 -6.88 27.04 -32.25
CA GLY A 46 -7.22 26.44 -33.52
C GLY A 46 -6.60 25.09 -33.79
N GLU A 47 -6.23 24.35 -32.75
CA GLU A 47 -5.55 23.07 -32.91
C GLU A 47 -6.54 22.00 -33.36
N ASP A 48 -5.98 20.91 -33.90
CA ASP A 48 -6.75 19.69 -34.12
C ASP A 48 -7.42 19.27 -32.82
N LEU A 49 -8.57 18.62 -32.94
CA LEU A 49 -9.23 18.02 -31.79
C LEU A 49 -8.73 16.58 -31.67
N VAL A 50 -8.00 16.29 -30.60
CA VAL A 50 -7.38 14.98 -30.42
C VAL A 50 -7.96 14.34 -29.18
N PHE A 51 -8.57 13.17 -29.37
CA PHE A 51 -9.12 12.35 -28.31
C PHE A 51 -8.18 11.18 -28.04
N ASP A 52 -8.05 10.83 -26.77
CA ASP A 52 -7.51 9.54 -26.40
C ASP A 52 -8.53 8.47 -26.68
N GLY A 53 -8.06 7.34 -27.20
CA GLY A 53 -8.92 6.19 -27.44
C GLY A 53 -8.06 5.01 -27.79
N VAL A 54 -8.00 4.01 -26.92
CA VAL A 54 -7.01 2.94 -27.01
C VAL A 54 -7.74 1.63 -27.25
N GLY A 55 -7.45 1.00 -28.39
CA GLY A 55 -8.01 -0.29 -28.69
C GLY A 55 -9.49 -0.27 -29.02
N LEU A 56 -10.01 0.85 -29.50
CA LEU A 56 -11.41 0.96 -29.84
C LEU A 56 -11.63 0.61 -31.31
N LYS A 57 -12.72 -0.11 -31.59
CA LYS A 57 -13.14 -0.40 -32.95
C LYS A 57 -14.23 0.60 -33.33
N ILE A 58 -13.95 1.44 -34.31
CA ILE A 58 -14.87 2.52 -34.67
C ILE A 58 -16.00 1.96 -35.54
N ASN A 59 -17.24 2.17 -35.12
CA ASN A 59 -18.39 1.98 -36.00
C ASN A 59 -18.73 3.28 -36.72
N GLU A 60 -18.79 4.39 -35.98
CA GLU A 60 -18.95 5.68 -36.61
C GLU A 60 -18.57 6.77 -35.62
N ILE A 61 -18.22 7.93 -36.16
CA ILE A 61 -18.06 9.14 -35.37
C ILE A 61 -18.73 10.28 -36.11
N SER A 62 -19.18 11.27 -35.35
CA SER A 62 -19.93 12.37 -35.92
C SER A 62 -19.65 13.63 -35.11
N ILE A 63 -19.82 14.78 -35.77
CA ILE A 63 -19.84 16.07 -35.12
C ILE A 63 -21.15 16.73 -35.51
N ASN A 64 -21.95 17.13 -34.52
CA ASN A 64 -23.26 17.77 -34.76
C ASN A 64 -24.13 16.91 -35.67
N ASN A 65 -24.07 15.59 -35.44
CA ASN A 65 -24.89 14.60 -36.14
C ASN A 65 -24.53 14.48 -37.62
N LYS A 66 -23.35 14.94 -38.01
CA LYS A 66 -22.85 14.72 -39.35
C LYS A 66 -21.72 13.69 -39.27
N LYS A 67 -21.91 12.56 -39.93
CA LYS A 67 -20.93 11.49 -39.91
C LYS A 67 -19.61 11.97 -40.50
N LEU A 68 -18.51 11.76 -39.78
CA LEU A 68 -17.18 12.04 -40.30
C LEU A 68 -16.61 10.81 -41.01
N VAL A 69 -15.75 11.05 -41.99
CA VAL A 69 -15.22 9.98 -42.82
C VAL A 69 -13.72 9.87 -42.61
N GLU A 70 -13.24 8.64 -42.45
CA GLU A 70 -11.85 8.39 -42.14
C GLU A 70 -10.94 8.87 -43.28
N GLY A 71 -9.80 9.42 -42.90
CA GLY A 71 -8.81 9.89 -43.86
C GLY A 71 -8.92 11.35 -44.22
N GLU A 72 -10.12 11.78 -44.63
CA GLU A 72 -10.32 13.17 -45.03
C GLU A 72 -10.55 14.07 -43.82
N GLU A 73 -11.37 13.63 -42.86
CA GLU A 73 -11.72 14.45 -41.72
C GLU A 73 -11.11 13.96 -40.41
N TYR A 74 -10.74 12.69 -40.30
CA TYR A 74 -10.10 12.20 -39.08
C TYR A 74 -9.18 11.05 -39.40
N THR A 75 -8.22 10.83 -38.51
CA THR A 75 -7.40 9.64 -38.51
C THR A 75 -7.48 9.00 -37.12
N TYR A 76 -7.35 7.68 -37.08
CA TYR A 76 -7.30 6.93 -35.83
C TYR A 76 -6.20 5.90 -35.90
N ASP A 77 -5.31 5.89 -34.91
CA ASP A 77 -4.14 5.01 -34.93
C ASP A 77 -4.13 4.03 -33.76
N ASN A 78 -5.30 3.69 -33.21
CA ASN A 78 -5.50 2.80 -32.05
C ASN A 78 -5.05 3.42 -30.73
N GLU A 79 -4.65 4.70 -30.72
CA GLU A 79 -4.24 5.43 -29.54
C GLU A 79 -4.85 6.82 -29.48
N PHE A 80 -4.86 7.53 -30.61
CA PHE A 80 -5.34 8.90 -30.68
C PHE A 80 -6.30 9.02 -31.85
N LEU A 81 -7.45 9.63 -31.60
CA LEU A 81 -8.38 10.03 -32.65
C LEU A 81 -8.14 11.51 -32.91
N THR A 82 -7.72 11.84 -34.14
CA THR A 82 -7.41 13.21 -34.53
C THR A 82 -8.48 13.68 -35.50
N ILE A 83 -9.22 14.72 -35.12
CA ILE A 83 -10.13 15.40 -36.05
C ILE A 83 -9.47 16.69 -36.49
N PHE A 84 -9.25 16.83 -37.81
CA PHE A 84 -8.49 17.95 -38.31
C PHE A 84 -9.23 19.26 -38.04
N SER A 85 -8.46 20.29 -37.66
CA SER A 85 -9.05 21.49 -37.08
C SER A 85 -10.05 22.16 -38.01
N LYS A 86 -9.88 22.03 -39.33
CA LYS A 86 -10.83 22.65 -40.25
C LYS A 86 -12.23 22.08 -40.10
N PHE A 87 -12.38 20.91 -39.47
CA PHE A 87 -13.67 20.28 -39.26
C PHE A 87 -14.14 20.38 -37.81
N VAL A 88 -13.41 21.09 -36.97
CA VAL A 88 -13.78 21.28 -35.57
C VAL A 88 -14.58 22.57 -35.45
N PRO A 89 -15.78 22.55 -34.86
CA PRO A 89 -16.56 23.79 -34.74
C PRO A 89 -15.86 24.82 -33.86
N LYS A 90 -16.27 26.08 -34.01
CA LYS A 90 -15.68 27.18 -33.28
C LYS A 90 -16.51 27.61 -32.07
N SER A 91 -17.66 26.98 -31.86
CA SER A 91 -18.50 27.22 -30.69
CA SER A 91 -18.45 27.22 -30.65
C SER A 91 -18.95 25.87 -30.16
N LYS A 92 -19.93 25.89 -29.25
CA LYS A 92 -20.42 24.66 -28.65
C LYS A 92 -20.87 23.67 -29.70
N PHE A 93 -20.46 22.41 -29.54
CA PHE A 93 -20.78 21.37 -30.50
C PHE A 93 -20.93 20.05 -29.78
N ALA A 94 -21.52 19.08 -30.47
CA ALA A 94 -21.66 17.72 -29.99
C ALA A 94 -20.76 16.80 -30.81
N PHE A 95 -19.93 16.01 -30.12
CA PHE A 95 -19.17 14.94 -30.74
C PHE A 95 -19.81 13.63 -30.34
N SER A 96 -20.06 12.74 -31.30
CA SER A 96 -20.63 11.45 -30.96
C SER A 96 -19.84 10.33 -31.60
N SER A 97 -19.86 9.16 -30.97
CA SER A 97 -19.17 8.02 -31.51
C SER A 97 -19.88 6.75 -31.08
N GLU A 98 -19.69 5.69 -31.87
CA GLU A 98 -20.06 4.34 -31.47
C GLU A 98 -18.86 3.45 -31.71
N VAL A 99 -18.43 2.75 -30.67
CA VAL A 99 -17.26 1.88 -30.74
C VAL A 99 -17.62 0.51 -30.17
N ILE A 100 -16.82 -0.48 -30.54
CA ILE A 100 -16.95 -1.84 -30.02
C ILE A 100 -15.72 -2.16 -29.19
N ILE A 101 -15.94 -2.70 -27.99
CA ILE A 101 -14.88 -3.17 -27.11
C ILE A 101 -15.24 -4.59 -26.67
N HIS A 102 -14.29 -5.25 -26.00
CA HIS A 102 -14.40 -6.69 -25.78
C HIS A 102 -13.97 -7.05 -24.35
N PRO A 103 -14.84 -6.80 -23.37
CA PRO A 103 -14.41 -7.04 -21.98
C PRO A 103 -14.06 -8.48 -21.67
N GLU A 104 -14.64 -9.45 -22.38
CA GLU A 104 -14.40 -10.86 -22.08
C GLU A 104 -12.92 -11.21 -22.18
N THR A 105 -12.21 -10.61 -23.13
CA THR A 105 -10.81 -10.96 -23.36
C THR A 105 -9.87 -9.87 -22.85
N ASN A 106 -10.36 -8.95 -22.02
CA ASN A 106 -9.55 -7.87 -21.48
C ASN A 106 -8.90 -8.35 -20.18
N TYR A 107 -7.81 -9.09 -20.33
CA TYR A 107 -7.15 -9.68 -19.17
C TYR A 107 -6.19 -8.73 -18.47
N ALA A 108 -6.00 -7.52 -19.01
CA ALA A 108 -5.16 -6.50 -18.37
C ALA A 108 -5.89 -5.79 -17.24
N LEU A 109 -7.23 -5.95 -17.17
CA LEU A 109 -8.06 -5.47 -16.07
C LEU A 109 -8.03 -3.94 -15.95
N THR A 110 -7.96 -3.28 -17.10
CA THR A 110 -8.06 -1.83 -17.19
C THR A 110 -9.07 -1.53 -18.28
N GLY A 111 -9.82 -0.45 -18.09
CA GLY A 111 -10.94 -0.21 -18.99
C GLY A 111 -12.15 -1.01 -18.54
N LEU A 112 -12.89 -1.60 -19.46
CA LEU A 112 -14.06 -2.42 -19.15
C LEU A 112 -13.67 -3.88 -19.31
N TYR A 113 -13.87 -4.68 -18.26
CA TYR A 113 -13.43 -6.06 -18.34
C TYR A 113 -14.38 -6.97 -17.60
N LYS A 114 -14.16 -8.27 -17.78
CA LYS A 114 -14.98 -9.31 -17.18
C LYS A 114 -14.13 -10.01 -16.13
N SER A 115 -14.62 -10.04 -14.91
CA SER A 115 -14.00 -10.76 -13.79
C SER A 115 -14.98 -11.85 -13.40
N LYS A 116 -14.66 -13.10 -13.74
CA LYS A 116 -15.59 -14.22 -13.56
C LYS A 116 -16.85 -13.87 -14.32
N ASN A 117 -18.00 -13.71 -13.67
CA ASN A 117 -19.25 -13.40 -14.35
C ASN A 117 -19.69 -11.96 -14.11
N ILE A 118 -18.78 -11.09 -13.69
CA ILE A 118 -19.08 -9.70 -13.39
CA ILE A 118 -19.07 -9.70 -13.39
C ILE A 118 -18.37 -8.83 -14.44
N ILE A 119 -19.13 -7.93 -15.05
CA ILE A 119 -18.57 -6.89 -15.90
C ILE A 119 -18.25 -5.69 -15.03
N VAL A 120 -17.04 -5.17 -15.14
CA VAL A 120 -16.59 -4.14 -14.20
C VAL A 120 -15.55 -3.26 -14.90
N SER A 121 -15.50 -2.00 -14.51
CA SER A 121 -14.55 -1.06 -15.09
C SER A 121 -13.45 -0.72 -14.09
N GLN A 122 -12.28 -0.33 -14.62
CA GLN A 122 -11.23 0.29 -13.84
C GLN A 122 -10.62 1.39 -14.70
N CYS A 123 -10.84 2.66 -14.31
CA CYS A 123 -10.52 3.77 -15.19
C CYS A 123 -9.34 4.61 -14.72
N GLU A 124 -9.03 4.62 -13.42
CA GLU A 124 -7.81 5.30 -13.01
C GLU A 124 -6.62 4.49 -13.49
N ALA A 125 -5.58 5.15 -14.02
CA ALA A 125 -5.51 6.59 -14.27
C ALA A 125 -6.08 6.99 -15.62
N THR A 126 -5.63 6.31 -16.67
CA THR A 126 -5.99 6.64 -18.04
C THR A 126 -6.66 5.45 -18.73
N GLY A 127 -7.58 4.81 -18.01
CA GLY A 127 -8.33 3.68 -18.56
C GLY A 127 -9.67 4.05 -19.17
N PHE A 128 -10.19 5.26 -18.91
CA PHE A 128 -11.46 5.60 -19.54
C PHE A 128 -11.32 5.58 -21.07
N ARG A 129 -10.15 5.93 -21.59
CA ARG A 129 -9.93 5.93 -23.04
CA ARG A 129 -9.93 5.93 -23.04
C ARG A 129 -9.99 4.52 -23.64
N ARG A 130 -9.99 3.48 -22.82
CA ARG A 130 -10.20 2.11 -23.30
C ARG A 130 -11.66 1.75 -23.41
N ILE A 131 -12.56 2.65 -23.00
CA ILE A 131 -14.00 2.46 -23.09
C ILE A 131 -14.61 3.30 -24.19
N THR A 132 -14.20 4.57 -24.29
CA THR A 132 -14.68 5.43 -25.35
C THR A 132 -13.68 6.58 -25.51
N PHE A 133 -13.90 7.37 -26.55
CA PHE A 133 -13.03 8.51 -26.82
C PHE A 133 -13.21 9.60 -25.76
N PHE A 134 -12.11 10.19 -25.33
CA PHE A 134 -12.20 11.24 -24.34
C PHE A 134 -10.89 12.02 -24.35
N ILE A 135 -10.94 13.23 -23.78
CA ILE A 135 -9.70 13.92 -23.42
C ILE A 135 -9.38 13.47 -22.01
N ASP A 136 -8.60 12.39 -21.91
CA ASP A 136 -8.54 11.54 -20.72
C ASP A 136 -7.47 12.07 -19.76
N ARG A 137 -7.88 13.06 -18.97
CA ARG A 137 -7.03 13.73 -18.01
C ARG A 137 -7.94 14.34 -16.96
N PRO A 138 -7.51 14.40 -15.69
CA PRO A 138 -8.47 14.69 -14.61
C PRO A 138 -8.95 16.14 -14.55
N ASP A 139 -8.35 17.07 -15.28
CA ASP A 139 -8.89 18.42 -15.28
C ASP A 139 -10.03 18.60 -16.26
N MET A 140 -10.43 17.56 -16.98
CA MET A 140 -11.57 17.68 -17.91
C MET A 140 -12.81 17.14 -17.21
N MET A 141 -13.42 18.02 -16.43
CA MET A 141 -14.52 17.62 -15.56
C MET A 141 -15.84 17.82 -16.28
N ALA A 142 -16.76 16.88 -16.10
CA ALA A 142 -17.98 16.87 -16.88
C ALA A 142 -19.09 16.20 -16.10
N LYS A 143 -20.32 16.43 -16.57
CA LYS A 143 -21.49 15.72 -16.08
CA LYS A 143 -21.50 15.73 -16.09
C LYS A 143 -21.67 14.43 -16.87
N TYR A 144 -22.23 13.42 -16.21
CA TYR A 144 -22.36 12.07 -16.78
C TYR A 144 -23.79 11.56 -16.70
N ASP A 145 -24.31 11.11 -17.83
CA ASP A 145 -25.63 10.48 -17.92
C ASP A 145 -25.38 9.14 -18.61
N VAL A 146 -25.55 8.05 -17.87
CA VAL A 146 -25.06 6.74 -18.32
C VAL A 146 -26.19 5.73 -18.32
N THR A 147 -26.42 5.11 -19.48
CA THR A 147 -27.34 4.00 -19.60
C THR A 147 -26.56 2.72 -19.89
N VAL A 148 -26.90 1.66 -19.17
CA VAL A 148 -26.28 0.36 -19.34
C VAL A 148 -27.37 -0.64 -19.69
N THR A 149 -27.14 -1.47 -20.70
CA THR A 149 -28.10 -2.53 -21.03
C THR A 149 -27.37 -3.87 -21.13
N ALA A 150 -28.11 -4.94 -20.84
CA ALA A 150 -27.50 -6.26 -20.75
C ALA A 150 -28.59 -7.33 -20.68
N ASP A 151 -28.17 -8.58 -20.92
CA ASP A 151 -29.05 -9.71 -20.66
C ASP A 151 -29.47 -9.73 -19.20
N LYS A 152 -30.78 -9.82 -18.96
CA LYS A 152 -31.28 -9.67 -17.60
C LYS A 152 -30.91 -10.88 -16.73
N GLU A 153 -30.97 -12.08 -17.31
CA GLU A 153 -30.66 -13.28 -16.53
CA GLU A 153 -30.66 -13.27 -16.52
C GLU A 153 -29.20 -13.29 -16.08
N LYS A 154 -28.28 -12.95 -16.98
CA LYS A 154 -26.86 -12.96 -16.64
C LYS A 154 -26.44 -11.74 -15.82
N TYR A 155 -27.09 -10.59 -16.02
CA TYR A 155 -26.66 -9.32 -15.43
C TYR A 155 -27.83 -8.59 -14.80
N PRO A 156 -28.46 -9.15 -13.76
CA PRO A 156 -29.65 -8.49 -13.18
C PRO A 156 -29.34 -7.22 -12.42
N VAL A 157 -28.12 -7.04 -11.92
CA VAL A 157 -27.74 -5.85 -11.17
C VAL A 157 -26.88 -4.99 -12.07
N LEU A 158 -27.32 -3.74 -12.27
CA LEU A 158 -26.63 -2.75 -13.08
C LEU A 158 -26.33 -1.55 -12.21
N LEU A 159 -25.08 -1.07 -12.24
CA LEU A 159 -24.69 0.05 -11.39
C LEU A 159 -23.81 1.01 -12.17
N SER A 160 -23.98 2.30 -11.91
CA SER A 160 -23.00 3.31 -12.32
C SER A 160 -23.01 4.43 -11.28
N ASN A 161 -22.29 5.51 -11.56
CA ASN A 161 -22.30 6.67 -10.67
C ASN A 161 -23.64 7.39 -10.70
N GLY A 162 -23.96 8.05 -9.60
CA GLY A 162 -25.12 8.93 -9.54
C GLY A 162 -26.39 8.20 -9.15
N ASP A 163 -27.51 8.85 -9.45
CA ASP A 163 -28.81 8.30 -9.07
C ASP A 163 -29.35 7.45 -10.20
N LYS A 164 -29.87 6.27 -9.85
CA LYS A 164 -30.59 5.46 -10.83
C LYS A 164 -31.94 6.11 -11.10
N VAL A 165 -32.15 6.59 -12.32
CA VAL A 165 -33.34 7.37 -12.64
C VAL A 165 -34.32 6.63 -13.53
N ASN A 166 -33.93 5.52 -14.14
CA ASN A 166 -34.86 4.71 -14.90
C ASN A 166 -34.37 3.27 -14.95
N GLU A 167 -35.33 2.35 -14.98
CA GLU A 167 -35.09 0.94 -15.23
C GLU A 167 -36.13 0.49 -16.25
N PHE A 168 -35.71 -0.31 -17.22
CA PHE A 168 -36.65 -0.64 -18.29
C PHE A 168 -36.32 -1.99 -18.89
N GLU A 169 -37.35 -2.65 -19.42
CA GLU A 169 -37.20 -3.91 -20.11
C GLU A 169 -36.90 -3.68 -21.57
N ILE A 170 -36.20 -4.64 -22.18
CA ILE A 170 -35.80 -4.59 -23.58
C ILE A 170 -36.14 -5.93 -24.23
N PRO A 171 -36.64 -5.95 -25.46
CA PRO A 171 -36.94 -7.24 -26.11
C PRO A 171 -35.72 -8.14 -26.17
N GLY A 172 -35.97 -9.45 -26.19
CA GLY A 172 -34.90 -10.42 -26.24
C GLY A 172 -34.28 -10.76 -24.90
N GLY A 173 -35.01 -10.56 -23.81
CA GLY A 173 -34.49 -10.92 -22.50
C GLY A 173 -33.50 -9.94 -21.93
N ARG A 174 -33.46 -8.71 -22.43
CA ARG A 174 -32.53 -7.69 -21.98
C ARG A 174 -33.22 -6.69 -21.06
N HIS A 175 -32.41 -5.85 -20.41
CA HIS A 175 -32.95 -4.76 -19.60
C HIS A 175 -31.89 -3.68 -19.50
N GLY A 176 -32.32 -2.50 -19.06
CA GLY A 176 -31.42 -1.37 -18.96
C GLY A 176 -31.67 -0.57 -17.69
N ALA A 177 -30.67 0.22 -17.33
CA ALA A 177 -30.78 1.17 -16.23
C ALA A 177 -30.06 2.44 -16.63
N ARG A 178 -30.63 3.58 -16.28
CA ARG A 178 -30.07 4.89 -16.55
C ARG A 178 -29.67 5.56 -15.25
N PHE A 179 -28.44 6.08 -15.22
CA PHE A 179 -27.84 6.71 -14.06
C PHE A 179 -27.45 8.12 -14.44
N ASN A 180 -27.95 9.11 -13.70
CA ASN A 180 -27.59 10.50 -13.94
C ASN A 180 -26.79 11.01 -12.76
N ASP A 181 -25.59 11.54 -13.04
CA ASP A 181 -24.65 12.03 -12.03
C ASP A 181 -24.35 13.50 -12.30
N PRO A 182 -25.16 14.42 -11.78
CA PRO A 182 -25.00 15.85 -12.14
C PRO A 182 -23.70 16.50 -11.68
N PRO A 183 -23.13 16.17 -10.50
CA PRO A 183 -21.90 16.86 -10.10
C PRO A 183 -20.76 16.58 -11.08
N LEU A 184 -19.96 17.63 -11.36
CA LEU A 184 -18.80 17.45 -12.23
C LEU A 184 -17.84 16.43 -11.64
N LYS A 185 -17.24 15.62 -12.52
CA LYS A 185 -16.21 14.69 -12.06
C LYS A 185 -15.23 14.43 -13.19
N PRO A 186 -13.99 14.10 -12.85
CA PRO A 186 -13.05 13.59 -13.86
C PRO A 186 -13.40 12.18 -14.29
N CYS A 187 -12.97 11.83 -15.50
CA CYS A 187 -13.39 10.55 -16.08
C CYS A 187 -12.78 9.34 -15.40
N TYR A 188 -11.67 9.52 -14.67
CA TYR A 188 -11.13 8.35 -13.98
C TYR A 188 -12.02 7.89 -12.83
N LEU A 189 -13.01 8.69 -12.42
CA LEU A 189 -13.93 8.29 -11.37
C LEU A 189 -15.22 7.67 -11.91
N PHE A 190 -15.38 7.60 -13.23
CA PHE A 190 -16.48 6.85 -13.83
C PHE A 190 -16.35 5.37 -13.51
N ALA A 191 -17.48 4.71 -13.28
CA ALA A 191 -17.48 3.26 -13.15
C ALA A 191 -18.82 2.69 -13.57
N VAL A 192 -18.78 1.43 -14.00
CA VAL A 192 -19.98 0.66 -14.28
CA VAL A 192 -19.98 0.65 -14.29
C VAL A 192 -19.73 -0.77 -13.81
N VAL A 193 -20.78 -1.40 -13.30
CA VAL A 193 -20.76 -2.79 -12.87
C VAL A 193 -22.02 -3.46 -13.38
N ALA A 194 -21.90 -4.69 -13.86
CA ALA A 194 -23.07 -5.48 -14.22
C ALA A 194 -22.83 -6.91 -13.79
N GLY A 195 -23.80 -7.51 -13.11
CA GLY A 195 -23.61 -8.89 -12.70
C GLY A 195 -24.77 -9.40 -11.88
N ASP A 196 -24.68 -10.68 -11.53
CA ASP A 196 -25.68 -11.33 -10.66
C ASP A 196 -25.20 -11.19 -9.22
N LEU A 197 -25.28 -9.95 -8.73
CA LEU A 197 -24.72 -9.59 -7.45
C LEU A 197 -25.75 -9.75 -6.33
N LYS A 198 -25.29 -10.18 -5.17
CA LYS A 198 -26.09 -10.22 -3.95
C LYS A 198 -25.50 -9.21 -2.98
N HIS A 199 -26.31 -8.76 -2.02
CA HIS A 199 -25.87 -7.64 -1.20
C HIS A 199 -26.32 -7.75 0.25
N LEU A 200 -25.62 -6.99 1.09
CA LEU A 200 -26.12 -6.55 2.38
C LEU A 200 -26.29 -5.04 2.31
N SER A 201 -27.22 -4.51 3.10
CA SER A 201 -27.42 -3.07 3.06
C SER A 201 -27.78 -2.53 4.44
N ALA A 202 -27.59 -1.24 4.60
CA ALA A 202 -27.95 -0.53 5.82
C ALA A 202 -28.23 0.92 5.48
N THR A 203 -28.82 1.64 6.43
CA THR A 203 -29.06 3.07 6.29
C THR A 203 -28.23 3.82 7.32
N TYR A 204 -27.46 4.80 6.86
CA TYR A 204 -26.66 5.66 7.72
C TYR A 204 -27.26 7.06 7.71
N ILE A 205 -27.40 7.64 8.91
CA ILE A 205 -27.95 8.99 9.06
C ILE A 205 -26.80 9.91 9.44
N THR A 206 -26.56 10.95 8.64
CA THR A 206 -25.39 11.78 8.85
C THR A 206 -25.53 12.62 10.13
N LYS A 207 -24.40 13.08 10.63
CA LYS A 207 -24.33 13.65 11.97
C LYS A 207 -25.03 15.00 12.07
N TYR A 208 -24.87 15.85 11.06
CA TYR A 208 -25.32 17.23 11.12
C TYR A 208 -26.51 17.52 10.23
N THR A 209 -26.45 17.16 8.96
CA THR A 209 -27.57 17.34 8.06
C THR A 209 -28.67 16.31 8.27
N LYS A 210 -28.38 15.22 8.99
CA LYS A 210 -29.35 14.15 9.23
C LYS A 210 -29.89 13.56 7.93
N LYS A 211 -29.05 13.49 6.91
CA LYS A 211 -29.43 12.86 5.66
C LYS A 211 -29.32 11.34 5.78
N LYS A 212 -30.32 10.65 5.23
CA LYS A 212 -30.29 9.20 5.14
C LYS A 212 -29.44 8.77 3.95
N VAL A 213 -28.41 7.96 4.21
CA VAL A 213 -27.54 7.42 3.17
C VAL A 213 -27.74 5.92 3.11
N GLU A 214 -28.07 5.41 1.93
CA GLU A 214 -28.19 3.97 1.74
C GLU A 214 -26.82 3.38 1.43
N LEU A 215 -26.43 2.37 2.21
CA LEU A 215 -25.15 1.70 2.06
C LEU A 215 -25.40 0.29 1.52
N TYR A 216 -24.73 -0.05 0.41
CA TYR A 216 -24.87 -1.37 -0.19
C TYR A 216 -23.50 -1.97 -0.38
N VAL A 217 -23.34 -3.24 0.00
CA VAL A 217 -22.10 -3.99 -0.23
CA VAL A 217 -22.11 -3.99 -0.23
C VAL A 217 -22.47 -5.24 -1.03
N PHE A 218 -21.76 -5.45 -2.15
CA PHE A 218 -22.12 -6.46 -3.12
C PHE A 218 -21.01 -7.48 -3.30
N SER A 219 -21.41 -8.73 -3.56
CA SER A 219 -20.49 -9.76 -4.02
C SER A 219 -21.25 -10.76 -4.87
N GLU A 220 -20.51 -11.69 -5.47
CA GLU A 220 -21.18 -12.85 -6.05
C GLU A 220 -21.93 -13.63 -4.96
N GLU A 221 -22.94 -14.37 -5.38
CA GLU A 221 -23.82 -15.05 -4.44
C GLU A 221 -23.06 -15.98 -3.50
N LYS A 222 -22.03 -16.66 -4.02
CA LYS A 222 -21.32 -17.66 -3.21
C LYS A 222 -20.73 -17.05 -1.95
N TYR A 223 -20.39 -15.77 -1.97
CA TYR A 223 -19.62 -15.17 -0.89
C TYR A 223 -20.37 -14.05 -0.17
N VAL A 224 -21.70 -13.97 -0.35
CA VAL A 224 -22.46 -12.90 0.28
C VAL A 224 -22.36 -12.96 1.81
N SER A 225 -22.11 -14.15 2.37
CA SER A 225 -21.93 -14.25 3.82
C SER A 225 -20.61 -13.64 4.30
N LYS A 226 -19.75 -13.13 3.42
CA LYS A 226 -18.49 -12.53 3.82
C LYS A 226 -18.52 -11.00 3.74
N LEU A 227 -19.70 -10.41 3.61
CA LEU A 227 -19.83 -8.98 3.43
C LEU A 227 -20.02 -8.19 4.73
N GLN A 228 -20.26 -8.86 5.86
CA GLN A 228 -20.74 -8.13 7.04
C GLN A 228 -19.67 -7.18 7.59
N TRP A 229 -18.41 -7.62 7.69
CA TRP A 229 -17.41 -6.76 8.29
C TRP A 229 -17.20 -5.49 7.46
N ALA A 230 -17.21 -5.61 6.12
CA ALA A 230 -17.04 -4.44 5.27
C ALA A 230 -18.10 -3.39 5.53
N LEU A 231 -19.36 -3.81 5.68
CA LEU A 231 -20.44 -2.88 6.00
C LEU A 231 -20.18 -2.18 7.34
N GLU A 232 -19.74 -2.94 8.35
CA GLU A 232 -19.38 -2.33 9.62
C GLU A 232 -18.26 -1.32 9.45
N CYS A 233 -17.27 -1.66 8.63
CA CYS A 233 -16.14 -0.76 8.43
C CYS A 233 -16.58 0.53 7.75
N LEU A 234 -17.52 0.42 6.81
CA LEU A 234 -18.00 1.62 6.12
C LEU A 234 -18.71 2.55 7.08
N LYS A 235 -19.56 2.00 7.94
CA LYS A 235 -20.19 2.83 8.97
C LYS A 235 -19.15 3.51 9.85
N LYS A 236 -18.14 2.76 10.26
CA LYS A 236 -17.06 3.34 11.08
C LYS A 236 -16.34 4.46 10.35
N SER A 237 -16.11 4.29 9.05
CA SER A 237 -15.39 5.30 8.29
C SER A 237 -16.18 6.59 8.20
N MET A 238 -17.49 6.46 7.91
CA MET A 238 -18.34 7.64 7.83
C MET A 238 -18.35 8.39 9.16
N ALA A 239 -18.45 7.65 10.27
CA ALA A 239 -18.47 8.29 11.58
C ALA A 239 -17.15 9.00 11.87
N PHE A 240 -16.02 8.41 11.48
CA PHE A 240 -14.74 9.03 11.78
C PHE A 240 -14.54 10.32 10.99
N ASP A 241 -14.90 10.34 9.70
CA ASP A 241 -14.78 11.59 8.97
C ASP A 241 -15.69 12.66 9.58
N GLU A 242 -16.87 12.25 10.06
CA GLU A 242 -17.74 13.21 10.76
C GLU A 242 -17.11 13.69 12.05
N ASP A 243 -16.56 12.76 12.84
CA ASP A 243 -16.11 13.08 14.20
C ASP A 243 -14.78 13.82 14.21
N TYR A 244 -13.81 13.38 13.41
CA TYR A 244 -12.51 14.03 13.42
C TYR A 244 -12.51 15.27 12.53
N PHE A 245 -13.04 15.16 11.31
CA PHE A 245 -12.92 16.22 10.32
C PHE A 245 -14.20 17.02 10.08
N GLY A 246 -15.32 16.62 10.68
CA GLY A 246 -16.58 17.33 10.46
C GLY A 246 -17.16 17.15 9.08
N LEU A 247 -16.81 16.07 8.38
CA LEU A 247 -17.18 15.88 6.98
C LEU A 247 -18.25 14.81 6.84
N GLU A 248 -19.35 15.13 6.18
CA GLU A 248 -20.44 14.20 5.93
C GLU A 248 -20.51 13.79 4.47
N TYR A 249 -21.01 12.58 4.25
CA TYR A 249 -21.26 12.11 2.90
C TYR A 249 -22.40 12.92 2.27
N ASP A 250 -22.24 13.25 0.99
CA ASP A 250 -23.12 14.17 0.30
C ASP A 250 -24.12 13.51 -0.62
N LEU A 251 -24.05 12.19 -0.81
CA LEU A 251 -24.86 11.50 -1.79
C LEU A 251 -25.89 10.60 -1.11
N SER A 252 -26.89 10.21 -1.88
CA SER A 252 -27.97 9.39 -1.32
C SER A 252 -27.56 7.94 -1.10
N ARG A 253 -26.53 7.46 -1.78
CA ARG A 253 -26.22 6.03 -1.75
C ARG A 253 -24.74 5.85 -1.99
N LEU A 254 -24.18 4.82 -1.37
CA LEU A 254 -22.79 4.41 -1.60
C LEU A 254 -22.77 2.91 -1.79
N ASN A 255 -22.24 2.45 -2.91
CA ASN A 255 -22.12 1.02 -3.21
C ASN A 255 -20.66 0.60 -3.13
N LEU A 256 -20.42 -0.55 -2.49
CA LEU A 256 -19.11 -1.21 -2.50
C LEU A 256 -19.28 -2.56 -3.18
N VAL A 257 -18.40 -2.88 -4.13
CA VAL A 257 -18.55 -4.10 -4.93
C VAL A 257 -17.23 -4.86 -4.92
N ALA A 258 -17.30 -6.16 -4.59
CA ALA A 258 -16.14 -7.03 -4.63
C ALA A 258 -16.07 -7.78 -5.96
N VAL A 259 -14.87 -7.81 -6.57
CA VAL A 259 -14.63 -8.60 -7.76
C VAL A 259 -13.36 -9.43 -7.55
N SER A 260 -13.29 -10.57 -8.23
CA SER A 260 -12.21 -11.52 -7.97
C SER A 260 -10.91 -11.11 -8.65
N ASP A 261 -10.98 -10.38 -9.74
CA ASP A 261 -9.82 -10.04 -10.58
C ASP A 261 -9.61 -8.54 -10.51
N PHE A 262 -8.53 -8.11 -9.86
CA PHE A 262 -8.32 -6.69 -9.65
C PHE A 262 -6.82 -6.46 -9.51
N ASN A 263 -6.33 -5.40 -10.14
CA ASN A 263 -4.88 -5.22 -10.17
C ASN A 263 -4.34 -4.75 -8.83
N VAL A 264 -5.15 -4.07 -8.04
CA VAL A 264 -4.67 -3.49 -6.78
C VAL A 264 -5.66 -3.84 -5.67
N GLY A 265 -5.77 -2.98 -4.65
CA GLY A 265 -6.66 -3.21 -3.53
C GLY A 265 -8.10 -2.78 -3.78
N ALA A 266 -8.31 -1.53 -4.15
CA ALA A 266 -9.66 -1.02 -4.41
C ALA A 266 -9.56 0.34 -5.08
N MET A 267 -10.71 0.86 -5.49
CA MET A 267 -10.79 2.07 -6.30
C MET A 267 -11.99 2.91 -5.87
N GLU A 268 -11.78 4.23 -5.80
CA GLU A 268 -12.76 5.12 -5.16
C GLU A 268 -13.78 5.71 -6.13
N ASN A 269 -14.23 4.99 -7.14
CA ASN A 269 -15.20 5.57 -8.07
C ASN A 269 -16.40 6.11 -7.29
N LYS A 270 -16.85 7.30 -7.68
CA LYS A 270 -17.79 8.06 -6.86
C LYS A 270 -19.10 7.30 -6.68
N GLY A 271 -19.44 7.03 -5.42
CA GLY A 271 -20.63 6.28 -5.10
C GLY A 271 -20.61 4.81 -5.47
N LEU A 272 -19.51 4.33 -6.04
CA LEU A 272 -19.43 2.97 -6.61
C LEU A 272 -17.98 2.50 -6.45
N ASN A 273 -17.58 2.26 -5.20
CA ASN A 273 -16.23 1.82 -4.88
C ASN A 273 -16.09 0.35 -5.23
N ILE A 274 -15.04 0.00 -5.98
CA ILE A 274 -14.85 -1.35 -6.46
C ILE A 274 -13.58 -1.91 -5.82
N PHE A 275 -13.67 -3.15 -5.31
CA PHE A 275 -12.66 -3.74 -4.45
C PHE A 275 -12.16 -5.06 -5.02
N ASN A 276 -10.85 -5.28 -4.92
CA ASN A 276 -10.36 -6.65 -4.85
C ASN A 276 -11.11 -7.38 -3.76
N ALA A 277 -11.70 -8.53 -4.10
CA ALA A 277 -12.41 -9.30 -3.09
C ALA A 277 -11.55 -9.55 -1.85
N ASN A 278 -10.23 -9.68 -2.01
CA ASN A 278 -9.42 -9.94 -0.81
C ASN A 278 -9.33 -8.73 0.10
N SER A 279 -9.82 -7.57 -0.31
CA SER A 279 -9.81 -6.39 0.53
C SER A 279 -11.22 -5.93 0.89
N LEU A 280 -12.23 -6.79 0.68
CA LEU A 280 -13.60 -6.48 1.07
C LEU A 280 -14.26 -7.63 1.81
N LEU A 281 -13.95 -8.88 1.46
CA LEU A 281 -14.67 -10.05 1.96
C LEU A 281 -13.89 -10.78 3.04
N ALA A 282 -14.58 -11.16 4.11
CA ALA A 282 -13.97 -11.96 5.16
C ALA A 282 -15.05 -12.70 5.94
N SER A 283 -14.68 -13.85 6.50
CA SER A 283 -15.43 -14.47 7.56
C SER A 283 -14.46 -15.14 8.51
N LYS A 284 -14.89 -15.38 9.74
CA LYS A 284 -13.95 -15.89 10.72
C LYS A 284 -13.53 -17.33 10.41
N LYS A 285 -14.38 -18.09 9.72
CA LYS A 285 -14.03 -19.46 9.37
C LYS A 285 -13.12 -19.52 8.14
N ASN A 286 -13.19 -18.52 7.27
CA ASN A 286 -12.57 -18.59 5.95
C ASN A 286 -11.56 -17.48 5.69
N SER A 287 -11.10 -16.75 6.71
CA SER A 287 -10.15 -15.68 6.52
C SER A 287 -9.12 -15.68 7.63
N ILE A 288 -7.88 -15.33 7.28
CA ILE A 288 -6.89 -15.11 8.32
C ILE A 288 -7.13 -13.74 8.96
N ASP A 289 -6.56 -13.56 10.15
CA ASP A 289 -6.80 -12.34 10.93
C ASP A 289 -6.44 -11.09 10.15
N PHE A 290 -5.39 -11.16 9.33
CA PHE A 290 -4.93 -10.01 8.57
CA PHE A 290 -4.93 -9.99 8.59
C PHE A 290 -6.05 -9.38 7.75
N SER A 291 -7.01 -10.19 7.31
CA SER A 291 -8.10 -9.67 6.50
C SER A 291 -8.87 -8.56 7.20
N TYR A 292 -8.98 -8.62 8.51
CA TYR A 292 -9.86 -7.70 9.22
C TYR A 292 -9.28 -6.29 9.24
N ALA A 293 -7.98 -6.15 9.56
CA ALA A 293 -7.37 -4.84 9.44
C ALA A 293 -7.27 -4.38 8.00
N ARG A 294 -7.09 -5.32 7.07
CA ARG A 294 -6.99 -4.97 5.65
C ARG A 294 -8.28 -4.34 5.15
N ILE A 295 -9.42 -4.99 5.45
CA ILE A 295 -10.71 -4.48 5.00
C ILE A 295 -11.01 -3.15 5.65
N LEU A 296 -10.73 -3.02 6.95
CA LEU A 296 -10.93 -1.74 7.63
C LEU A 296 -10.14 -0.65 6.93
N THR A 297 -8.86 -0.93 6.62
CA THR A 297 -7.98 0.01 5.95
C THR A 297 -8.50 0.40 4.58
N VAL A 298 -8.88 -0.60 3.77
CA VAL A 298 -9.18 -0.32 2.37
C VAL A 298 -10.57 0.28 2.22
N VAL A 299 -11.56 -0.21 3.00
CA VAL A 299 -12.86 0.47 3.01
C VAL A 299 -12.69 1.91 3.48
N GLY A 300 -11.94 2.10 4.57
CA GLY A 300 -11.71 3.45 5.06
C GLY A 300 -11.05 4.33 4.02
N HIS A 301 -9.96 3.84 3.42
CA HIS A 301 -9.22 4.58 2.41
C HIS A 301 -10.13 5.03 1.27
N GLU A 302 -10.92 4.10 0.70
CA GLU A 302 -11.77 4.51 -0.41
C GLU A 302 -12.83 5.50 0.04
N TYR A 303 -13.37 5.34 1.26
CA TYR A 303 -14.36 6.30 1.74
C TYR A 303 -13.76 7.68 1.91
N PHE A 304 -12.54 7.77 2.46
CA PHE A 304 -11.96 9.09 2.71
C PHE A 304 -11.61 9.81 1.42
N HIS A 305 -11.45 9.07 0.31
CA HIS A 305 -11.26 9.71 -0.98
C HIS A 305 -12.45 10.56 -1.39
N GLN A 306 -13.64 10.31 -0.84
CA GLN A 306 -14.80 11.06 -1.31
C GLN A 306 -14.56 12.57 -1.16
N TYR A 307 -13.88 12.98 -0.08
CA TYR A 307 -13.40 14.35 -0.01
C TYR A 307 -12.01 14.50 -0.64
N THR A 308 -11.02 13.69 -0.21
CA THR A 308 -9.64 13.94 -0.64
C THR A 308 -9.35 13.08 -1.88
N GLY A 309 -9.83 13.59 -3.01
CA GLY A 309 -9.67 12.90 -4.28
C GLY A 309 -10.88 13.10 -5.16
N ASN A 310 -12.08 12.95 -4.59
CA ASN A 310 -13.28 13.03 -5.42
C ASN A 310 -13.87 14.44 -5.42
N ARG A 311 -14.27 14.95 -4.26
CA ARG A 311 -14.81 16.31 -4.20
C ARG A 311 -13.72 17.35 -4.45
N VAL A 312 -12.54 17.14 -3.87
CA VAL A 312 -11.34 17.88 -4.25
C VAL A 312 -10.49 16.92 -5.08
N THR A 313 -10.33 17.20 -6.37
CA THR A 313 -9.64 16.26 -7.23
C THR A 313 -8.30 16.83 -7.69
N LEU A 314 -7.69 16.21 -8.68
CA LEU A 314 -6.34 16.54 -9.12
C LEU A 314 -6.35 17.36 -10.40
N ARG A 315 -5.48 18.35 -10.46
CA ARG A 315 -5.28 19.09 -11.71
C ARG A 315 -4.65 18.23 -12.79
N ASP A 316 -3.78 17.31 -12.40
CA ASP A 316 -2.96 16.50 -13.31
C ASP A 316 -2.38 15.37 -12.47
N TRP A 317 -1.82 14.36 -13.15
CA TRP A 317 -1.41 13.15 -12.44
C TRP A 317 -0.15 13.35 -11.62
N PHE A 318 0.63 14.40 -11.89
CA PHE A 318 1.78 14.66 -11.03
C PHE A 318 1.35 15.01 -9.61
N GLN A 319 0.10 15.44 -9.41
CA GLN A 319 -0.40 15.70 -8.08
C GLN A 319 -0.91 14.45 -7.36
N LEU A 320 -0.62 13.24 -7.86
CA LEU A 320 -1.22 12.02 -7.30
C LEU A 320 -1.10 11.96 -5.78
N THR A 321 0.08 12.32 -5.24
CA THR A 321 0.25 12.19 -3.79
C THR A 321 -0.68 13.11 -3.00
N LEU A 322 -1.15 14.20 -3.62
CA LEU A 322 -2.13 15.07 -2.96
C LEU A 322 -3.38 14.29 -2.58
N LYS A 323 -3.84 13.37 -3.43
CA LYS A 323 -4.96 12.55 -2.99
C LYS A 323 -4.52 11.24 -2.33
N GLU A 324 -3.41 10.62 -2.76
CA GLU A 324 -3.10 9.32 -2.19
C GLU A 324 -2.35 9.45 -0.86
N GLY A 325 -1.31 10.27 -0.80
CA GLY A 325 -0.64 10.49 0.48
C GLY A 325 -1.61 11.00 1.54
N LEU A 326 -2.50 11.93 1.16
CA LEU A 326 -3.41 12.51 2.14
C LEU A 326 -4.47 11.50 2.56
N THR A 327 -4.94 10.65 1.63
CA THR A 327 -5.94 9.65 1.98
C THR A 327 -5.34 8.52 2.81
N VAL A 328 -4.10 8.11 2.51
CA VAL A 328 -3.42 7.15 3.39
C VAL A 328 -3.29 7.72 4.79
N HIS A 329 -2.92 9.00 4.91
CA HIS A 329 -2.81 9.62 6.23
C HIS A 329 -4.15 9.60 6.94
N ARG A 330 -5.23 9.93 6.22
CA ARG A 330 -6.55 9.90 6.83
C ARG A 330 -6.94 8.50 7.27
N GLU A 331 -6.61 7.49 6.45
CA GLU A 331 -6.87 6.11 6.84
C GLU A 331 -6.04 5.69 8.04
N ASN A 332 -4.79 6.16 8.12
CA ASN A 332 -3.95 5.82 9.28
C ASN A 332 -4.54 6.41 10.56
N LEU A 333 -4.97 7.67 10.54
CA LEU A 333 -5.63 8.25 11.70
C LEU A 333 -6.84 7.42 12.10
N PHE A 334 -7.63 7.03 11.10
CA PHE A 334 -8.84 6.25 11.32
C PHE A 334 -8.50 4.90 11.93
N SER A 335 -7.57 4.16 11.33
CA SER A 335 -7.25 2.83 11.82
C SER A 335 -6.63 2.86 13.20
N GLU A 336 -5.77 3.87 13.46
CA GLU A 336 -5.21 3.98 14.81
C GLU A 336 -6.32 4.17 15.85
N GLU A 337 -7.33 4.98 15.53
CA GLU A 337 -8.44 5.20 16.46
C GLU A 337 -9.31 3.96 16.60
N MET A 338 -9.51 3.20 15.51
CA MET A 338 -10.38 2.04 15.56
C MET A 338 -9.76 0.86 16.28
N THR A 339 -8.46 0.63 16.06
CA THR A 339 -7.84 -0.57 16.61
C THR A 339 -7.38 -0.37 18.04
N LYS A 340 -7.04 0.86 18.42
CA LYS A 340 -6.52 1.18 19.75
C LYS A 340 -5.30 0.33 20.11
N THR A 341 -4.50 -0.04 19.12
CA THR A 341 -3.28 -0.80 19.36
CA THR A 341 -3.28 -0.83 19.32
C THR A 341 -2.08 -0.06 18.78
N VAL A 342 -0.97 -0.10 19.51
CA VAL A 342 0.22 0.59 19.01
C VAL A 342 0.77 -0.07 17.76
N THR A 343 0.41 -1.34 17.51
CA THR A 343 0.99 -2.03 16.36
C THR A 343 0.47 -1.50 15.03
N THR A 344 -0.63 -0.75 15.03
CA THR A 344 -1.10 -0.14 13.80
C THR A 344 -0.09 0.86 13.26
N ARG A 345 0.35 1.80 14.09
CA ARG A 345 1.37 2.74 13.66
C ARG A 345 2.69 2.04 13.41
N LEU A 346 3.08 1.09 14.29
CA LEU A 346 4.35 0.40 14.09
C LEU A 346 4.36 -0.37 12.76
N SER A 347 3.22 -0.94 12.37
CA SER A 347 3.20 -1.70 11.12
C SER A 347 3.44 -0.79 9.92
N HIS A 348 2.92 0.44 9.95
CA HIS A 348 3.13 1.39 8.87
CA HIS A 348 3.13 1.35 8.84
C HIS A 348 4.59 1.80 8.77
N VAL A 349 5.21 2.07 9.93
CA VAL A 349 6.62 2.44 9.95
C VAL A 349 7.46 1.27 9.45
N ASP A 350 7.11 0.06 9.89
CA ASP A 350 7.85 -1.14 9.50
CA ASP A 350 7.85 -1.15 9.50
C ASP A 350 7.85 -1.30 7.98
N LEU A 351 6.69 -1.08 7.36
CA LEU A 351 6.62 -1.13 5.90
CA LEU A 351 6.62 -1.13 5.90
C LEU A 351 7.41 -0.01 5.25
N LEU A 352 7.26 1.24 5.75
CA LEU A 352 7.97 2.36 5.15
C LEU A 352 9.48 2.15 5.16
N ARG A 353 10.04 1.81 6.33
CA ARG A 353 11.49 1.75 6.42
C ARG A 353 12.09 0.52 5.76
N SER A 354 11.27 -0.46 5.36
CA SER A 354 11.80 -1.55 4.56
C SER A 354 11.51 -1.26 3.09
N VAL A 355 10.25 -1.35 2.69
CA VAL A 355 9.90 -1.29 1.27
C VAL A 355 10.14 0.11 0.69
N GLN A 356 9.69 1.16 1.38
CA GLN A 356 9.83 2.48 0.78
C GLN A 356 11.28 2.99 0.85
N PHE A 357 11.99 2.73 1.96
CA PHE A 357 13.39 3.14 2.01
C PHE A 357 14.22 2.42 0.94
N LEU A 358 13.92 1.14 0.69
CA LEU A 358 14.59 0.44 -0.40
CA LEU A 358 14.59 0.44 -0.40
C LEU A 358 14.34 1.13 -1.74
N GLU A 359 13.08 1.42 -2.04
CA GLU A 359 12.76 2.14 -3.27
C GLU A 359 13.55 3.45 -3.37
N ASP A 360 13.65 4.19 -2.26
CA ASP A 360 14.25 5.52 -2.30
C ASP A 360 15.77 5.48 -2.39
N SER A 361 16.40 4.34 -2.15
CA SER A 361 17.84 4.22 -2.40
C SER A 361 18.13 3.38 -3.63
N SER A 362 17.10 3.01 -4.40
CA SER A 362 17.23 2.23 -5.63
C SER A 362 17.33 3.16 -6.83
N PRO A 363 17.64 2.62 -8.01
CA PRO A 363 17.63 3.45 -9.23
C PRO A 363 16.25 4.01 -9.56
N LEU A 364 15.20 3.50 -8.92
CA LEU A 364 13.84 3.98 -9.13
C LEU A 364 13.49 5.17 -8.25
N SER A 365 14.41 5.63 -7.39
CA SER A 365 14.09 6.69 -6.45
C SER A 365 13.46 7.91 -7.12
N HIS A 366 12.39 8.40 -6.51
CA HIS A 366 11.69 9.58 -7.02
C HIS A 366 11.12 10.35 -5.84
N PRO A 367 10.85 11.64 -6.00
CA PRO A 367 10.14 12.38 -4.96
C PRO A 367 8.65 12.03 -5.01
N ILE A 368 7.93 12.45 -3.97
CA ILE A 368 6.53 12.09 -3.89
C ILE A 368 5.72 12.78 -4.98
N ARG A 369 6.25 13.86 -5.55
CA ARG A 369 5.69 14.49 -6.75
C ARG A 369 6.75 14.44 -7.84
N PRO A 370 6.76 13.40 -8.66
CA PRO A 370 7.81 13.28 -9.69
C PRO A 370 7.74 14.37 -10.73
N GLU A 371 8.85 14.54 -11.44
CA GLU A 371 8.95 15.53 -12.49
C GLU A 371 8.54 15.00 -13.86
N SER A 372 8.45 13.68 -14.01
CA SER A 372 8.15 13.10 -15.31
C SER A 372 7.58 11.71 -15.11
N TYR A 373 6.91 11.20 -16.15
CA TYR A 373 6.52 9.81 -16.20
C TYR A 373 6.35 9.39 -17.64
N VAL A 374 6.46 8.08 -17.86
CA VAL A 374 6.10 7.45 -19.13
C VAL A 374 4.87 6.57 -18.98
N SER A 375 4.79 5.81 -17.89
CA SER A 375 3.69 4.90 -17.62
C SER A 375 2.98 5.35 -16.35
N MET A 376 1.69 5.71 -16.48
CA MET A 376 0.93 5.99 -15.25
C MET A 376 0.68 4.72 -14.46
N GLU A 377 0.63 3.56 -15.13
CA GLU A 377 0.36 2.32 -14.41
C GLU A 377 1.52 1.94 -13.50
N ASN A 378 2.70 2.51 -13.70
CA ASN A 378 3.86 2.29 -12.83
C ASN A 378 4.05 3.38 -11.79
N PHE A 379 3.18 4.39 -11.77
CA PHE A 379 3.32 5.60 -10.96
C PHE A 379 2.83 5.43 -9.53
N TYR A 380 2.09 4.35 -9.25
CA TYR A 380 1.37 4.19 -7.98
C TYR A 380 2.27 3.45 -7.00
N THR A 381 3.23 4.20 -6.44
CA THR A 381 4.34 3.60 -5.72
C THR A 381 4.22 3.81 -4.23
N THR A 382 5.01 3.00 -3.49
CA THR A 382 5.10 3.20 -2.05
C THR A 382 5.66 4.58 -1.70
N THR A 383 6.51 5.15 -2.56
CA THR A 383 6.95 6.52 -2.33
C THR A 383 5.76 7.48 -2.37
N VAL A 384 4.97 7.44 -3.44
CA VAL A 384 3.84 8.36 -3.56
C VAL A 384 2.82 8.14 -2.43
N TYR A 385 2.58 6.87 -2.08
CA TYR A 385 1.56 6.53 -1.11
C TYR A 385 2.05 6.69 0.33
N ASP A 386 3.11 5.96 0.68
CA ASP A 386 3.52 5.83 2.07
C ASP A 386 4.47 6.94 2.51
N LYS A 387 5.48 7.30 1.69
CA LYS A 387 6.20 8.52 2.04
C LYS A 387 5.27 9.73 1.92
N GLY A 388 4.39 9.72 0.92
CA GLY A 388 3.41 10.79 0.84
C GLY A 388 2.59 10.91 2.10
N SER A 389 2.17 9.77 2.67
CA SER A 389 1.38 9.80 3.91
CA SER A 389 1.38 9.81 3.89
C SER A 389 2.18 10.38 5.06
N GLU A 390 3.47 10.05 5.14
CA GLU A 390 4.30 10.58 6.22
C GLU A 390 4.50 12.08 6.07
N VAL A 391 4.59 12.56 4.82
CA VAL A 391 4.67 13.99 4.59
C VAL A 391 3.36 14.67 4.98
N MET A 392 2.24 14.03 4.69
CA MET A 392 0.97 14.62 5.12
C MET A 392 0.82 14.57 6.63
N ARG A 393 1.34 13.51 7.27
CA ARG A 393 1.29 13.40 8.73
C ARG A 393 2.18 14.42 9.43
N MET A 394 3.30 14.80 8.81
CA MET A 394 4.17 15.78 9.45
C MET A 394 3.48 17.13 9.66
N TYR A 395 2.52 17.48 8.79
CA TYR A 395 1.77 18.71 9.02
C TYR A 395 1.02 18.66 10.34
N LEU A 396 0.41 17.50 10.65
CA LEU A 396 -0.28 17.32 11.92
C LEU A 396 0.69 17.37 13.10
N THR A 397 1.86 16.75 12.94
CA THR A 397 2.85 16.83 14.00
C THR A 397 3.30 18.27 14.25
N ILE A 398 3.51 19.04 13.17
CA ILE A 398 3.99 20.41 13.28
C ILE A 398 2.93 21.32 13.89
N LEU A 399 1.68 21.18 13.43
CA LEU A 399 0.62 22.09 13.82
C LEU A 399 -0.09 21.69 15.10
N GLY A 400 -0.07 20.41 15.46
CA GLY A 400 -0.96 19.91 16.49
C GLY A 400 -2.38 19.77 15.97
N GLU A 401 -3.17 18.99 16.72
CA GLU A 401 -4.49 18.59 16.24
C GLU A 401 -5.40 19.78 15.95
N GLU A 402 -5.45 20.74 16.86
CA GLU A 402 -6.41 21.83 16.72
C GLU A 402 -6.12 22.66 15.46
N TYR A 403 -4.85 23.06 15.29
CA TYR A 403 -4.54 23.85 14.12
C TYR A 403 -4.45 23.01 12.84
N TYR A 404 -4.11 21.73 12.96
CA TYR A 404 -4.18 20.86 11.78
C TYR A 404 -5.61 20.78 11.27
N LYS A 405 -6.57 20.60 12.19
CA LYS A 405 -7.96 20.54 11.77
C LYS A 405 -8.40 21.84 11.13
N LYS A 406 -7.92 22.96 11.67
CA LYS A 406 -8.26 24.26 11.07
C LYS A 406 -7.68 24.38 9.67
N GLY A 407 -6.43 23.96 9.48
CA GLY A 407 -5.84 24.03 8.17
C GLY A 407 -6.50 23.09 7.18
N PHE A 408 -6.88 21.89 7.63
CA PHE A 408 -7.51 20.93 6.72
C PHE A 408 -8.87 21.45 6.25
N ASP A 409 -9.64 22.04 7.16
CA ASP A 409 -10.93 22.60 6.77
C ASP A 409 -10.76 23.75 5.79
N ILE A 410 -9.72 24.57 5.97
CA ILE A 410 -9.43 25.60 4.97
C ILE A 410 -9.20 24.96 3.61
N TYR A 411 -8.43 23.88 3.57
CA TYR A 411 -8.17 23.19 2.30
C TYR A 411 -9.47 22.71 1.67
N ILE A 412 -10.34 22.10 2.48
CA ILE A 412 -11.58 21.54 1.93
C ILE A 412 -12.50 22.67 1.46
N LYS A 413 -12.69 23.69 2.29
CA LYS A 413 -13.63 24.75 1.91
C LYS A 413 -13.16 25.52 0.68
N LYS A 414 -11.84 25.75 0.57
CA LYS A 414 -11.34 26.51 -0.57
C LYS A 414 -11.39 25.73 -1.88
N ASN A 415 -11.24 24.41 -1.83
CA ASN A 415 -11.04 23.63 -3.05
C ASN A 415 -12.17 22.64 -3.35
N ASP A 416 -13.18 22.54 -2.49
CA ASP A 416 -14.32 21.65 -2.72
C ASP A 416 -14.93 21.91 -4.09
N GLY A 417 -15.05 20.85 -4.87
CA GLY A 417 -15.66 20.91 -6.18
C GLY A 417 -14.71 21.26 -7.32
N ASN A 418 -13.41 21.34 -7.05
CA ASN A 418 -12.43 21.79 -8.03
C ASN A 418 -11.26 20.80 -8.08
N THR A 419 -10.42 20.97 -9.09
CA THR A 419 -9.10 20.38 -9.12
C THR A 419 -8.17 21.14 -8.18
N ALA A 420 -7.08 20.47 -7.77
CA ALA A 420 -6.13 21.13 -6.90
C ALA A 420 -4.73 20.55 -7.11
N THR A 421 -3.75 21.24 -6.53
CA THR A 421 -2.34 20.88 -6.63
C THR A 421 -1.76 20.77 -5.23
N CYS A 422 -0.56 20.21 -5.15
CA CYS A 422 0.11 20.09 -3.85
C CYS A 422 0.29 21.45 -3.18
N GLU A 423 0.54 22.50 -3.98
CA GLU A 423 0.69 23.84 -3.43
C GLU A 423 -0.59 24.31 -2.72
N ASP A 424 -1.76 23.94 -3.25
CA ASP A 424 -3.02 24.29 -2.59
C ASP A 424 -3.07 23.75 -1.17
N PHE A 425 -2.62 22.51 -0.97
CA PHE A 425 -2.63 21.96 0.38
C PHE A 425 -1.60 22.66 1.26
N ASN A 426 -0.39 22.87 0.74
CA ASN A 426 0.63 23.54 1.54
C ASN A 426 0.17 24.94 1.94
N TYR A 427 -0.53 25.63 1.02
CA TYR A 427 -1.06 26.96 1.31
C TYR A 427 -2.02 26.92 2.49
N ALA A 428 -2.96 25.96 2.48
CA ALA A 428 -3.90 25.84 3.58
C ALA A 428 -3.18 25.51 4.89
N MET A 429 -2.19 24.62 4.83
CA MET A 429 -1.41 24.33 6.04
C MET A 429 -0.63 25.55 6.51
N GLU A 430 -0.12 26.35 5.57
CA GLU A 430 0.61 27.55 5.93
C GLU A 430 -0.28 28.54 6.67
N GLN A 431 -1.54 28.69 6.23
CA GLN A 431 -2.43 29.61 6.93
C GLN A 431 -2.60 29.19 8.38
N ALA A 432 -2.74 27.89 8.64
CA ALA A 432 -2.82 27.42 10.01
C ALA A 432 -1.51 27.62 10.76
N TYR A 433 -0.38 27.49 10.05
CA TYR A 433 0.93 27.71 10.66
C TYR A 433 1.05 29.15 11.16
N LYS A 434 0.65 30.11 10.33
CA LYS A 434 0.68 31.50 10.75
C LYS A 434 -0.19 31.73 11.99
N MET A 435 -1.37 31.12 12.02
CA MET A 435 -2.22 31.20 13.20
C MET A 435 -1.52 30.65 14.44
N LYS A 436 -0.96 29.43 14.33
CA LYS A 436 -0.34 28.80 15.48
C LYS A 436 0.87 29.58 15.98
N LYS A 437 1.68 30.11 15.06
CA LYS A 437 2.84 30.87 15.45
C LYS A 437 2.52 32.32 15.83
N ALA A 438 1.28 32.76 15.62
CA ALA A 438 0.91 34.16 15.81
C ALA A 438 1.90 35.07 15.09
N ASP A 439 2.10 34.78 13.80
CA ASP A 439 3.15 35.44 13.03
C ASP A 439 2.76 35.33 11.55
N ASN A 440 2.15 36.40 11.03
CA ASN A 440 1.76 36.40 9.62
C ASN A 440 2.95 36.37 8.67
N SER A 441 4.17 36.48 9.18
CA SER A 441 5.38 36.33 8.39
C SER A 441 5.86 34.89 8.31
N ALA A 442 5.37 34.00 9.17
CA ALA A 442 5.75 32.60 9.10
C ALA A 442 5.28 32.01 7.78
N ASN A 443 6.05 31.05 7.25
CA ASN A 443 5.67 30.42 6.00
C ASN A 443 6.20 28.99 5.99
N LEU A 444 5.64 28.21 5.06
CA LEU A 444 6.04 26.82 4.86
C LEU A 444 6.65 26.63 3.48
N ASN A 445 7.35 27.66 2.97
CA ASN A 445 7.98 27.54 1.66
CA ASN A 445 7.98 27.54 1.66
C ASN A 445 9.01 26.41 1.66
N GLN A 446 9.79 26.29 2.73
CA GLN A 446 10.77 25.21 2.79
C GLN A 446 10.09 23.86 2.80
N TYR A 447 8.85 23.79 3.30
CA TYR A 447 8.17 22.51 3.40
C TYR A 447 7.95 21.88 2.03
N LEU A 448 7.87 22.71 0.99
CA LEU A 448 7.61 22.19 -0.36
C LEU A 448 8.72 21.29 -0.85
N LEU A 449 9.92 21.38 -0.27
CA LEU A 449 10.98 20.46 -0.66
C LEU A 449 10.63 19.01 -0.37
N TRP A 450 9.73 18.73 0.60
CA TRP A 450 9.30 17.36 0.80
C TRP A 450 8.60 16.80 -0.44
N PHE A 451 8.04 17.66 -1.29
CA PHE A 451 7.35 17.18 -2.47
C PHE A 451 8.31 16.95 -3.64
N SER A 452 9.42 17.68 -3.68
CA SER A 452 10.30 17.70 -4.83
C SER A 452 11.60 16.95 -4.64
N GLN A 453 12.07 16.79 -3.40
CA GLN A 453 13.38 16.20 -3.18
C GLN A 453 13.24 14.70 -2.93
N SER A 454 13.97 13.91 -3.71
CA SER A 454 13.96 12.46 -3.51
C SER A 454 15.02 12.04 -2.50
N GLY A 455 14.94 10.79 -2.09
CA GLY A 455 15.89 10.24 -1.15
C GLY A 455 15.43 10.37 0.29
N THR A 456 16.00 9.51 1.15
CA THR A 456 15.68 9.51 2.57
C THR A 456 16.69 10.36 3.32
N PRO A 457 16.27 11.38 4.06
CA PRO A 457 17.23 12.11 4.90
C PRO A 457 17.78 11.23 5.99
N HIS A 458 19.04 11.49 6.35
CA HIS A 458 19.69 10.90 7.51
C HIS A 458 19.80 11.96 8.60
N VAL A 459 19.32 11.65 9.80
CA VAL A 459 19.38 12.58 10.92
C VAL A 459 20.22 11.96 12.03
N SER A 460 21.29 12.63 12.42
CA SER A 460 22.22 12.13 13.41
C SER A 460 22.34 13.12 14.59
N PHE A 461 22.80 12.60 15.72
CA PHE A 461 22.78 13.34 16.98
C PHE A 461 24.08 13.24 17.73
N LYS A 462 24.36 14.31 18.49
CA LYS A 462 25.38 14.31 19.53
C LYS A 462 24.81 15.03 20.74
N TYR A 463 25.31 14.71 21.93
CA TYR A 463 24.70 15.23 23.14
C TYR A 463 25.75 15.83 24.05
N ASN A 464 25.29 16.74 24.90
CA ASN A 464 26.12 17.31 25.95
C ASN A 464 25.28 17.56 27.18
N TYR A 465 25.83 17.20 28.34
CA TYR A 465 25.19 17.47 29.61
C TYR A 465 26.20 18.13 30.55
N ASP A 466 25.84 19.27 31.09
CA ASP A 466 26.63 19.94 32.12
C ASP A 466 25.88 19.77 33.45
N ALA A 467 26.44 18.94 34.33
CA ALA A 467 25.74 18.63 35.57
C ALA A 467 25.65 19.84 36.49
N GLU A 468 26.66 20.71 36.47
CA GLU A 468 26.63 21.90 37.31
C GLU A 468 25.59 22.90 36.83
N LYS A 469 25.48 23.09 35.51
CA LYS A 469 24.50 24.04 34.96
C LYS A 469 23.10 23.48 34.84
N LYS A 470 22.91 22.17 35.01
CA LYS A 470 21.64 21.50 34.73
C LYS A 470 21.20 21.78 33.30
N GLN A 471 22.15 21.74 32.37
CA GLN A 471 21.93 22.15 30.99
C GLN A 471 22.23 20.99 30.05
N TYR A 472 21.26 20.64 29.23
CA TYR A 472 21.35 19.52 28.29
C TYR A 472 21.22 20.06 26.87
N SER A 473 22.07 19.56 25.97
CA SER A 473 22.03 19.99 24.57
CA SER A 473 22.00 19.99 24.58
C SER A 473 21.92 18.79 23.65
N ILE A 474 21.09 18.92 22.62
CA ILE A 474 20.95 17.95 21.55
C ILE A 474 21.43 18.63 20.28
N HIS A 475 22.56 18.19 19.73
CA HIS A 475 23.07 18.68 18.47
CA HIS A 475 23.04 18.69 18.45
C HIS A 475 22.58 17.74 17.37
N VAL A 476 21.93 18.29 16.34
CA VAL A 476 21.25 17.51 15.31
CA VAL A 476 21.30 17.47 15.32
C VAL A 476 21.80 17.90 13.95
N ASN A 477 22.02 16.92 13.09
CA ASN A 477 22.50 17.13 11.73
CA ASN A 477 22.50 17.12 11.72
C ASN A 477 21.58 16.38 10.76
N GLN A 478 21.31 16.99 9.61
CA GLN A 478 20.57 16.28 8.57
C GLN A 478 21.36 16.25 7.27
N TYR A 479 21.20 15.14 6.53
CA TYR A 479 21.93 14.93 5.29
C TYR A 479 21.09 14.04 4.39
N THR A 480 20.91 14.43 3.13
CA THR A 480 20.34 13.53 2.13
C THR A 480 21.42 13.27 1.09
N LYS A 481 21.61 11.99 0.75
CA LYS A 481 22.64 11.65 -0.24
C LYS A 481 22.23 12.15 -1.61
N PRO A 482 23.14 12.78 -2.36
CA PRO A 482 22.83 13.12 -3.75
C PRO A 482 22.41 11.89 -4.53
N ASP A 483 21.58 12.09 -5.55
CA ASP A 483 21.12 10.97 -6.40
C ASP A 483 20.87 11.51 -7.81
N GLU A 484 20.14 10.74 -8.62
CA GLU A 484 19.92 11.16 -10.01
C GLU A 484 18.97 12.34 -10.14
N ASN A 485 18.20 12.66 -9.10
CA ASN A 485 17.20 13.72 -9.18
C ASN A 485 17.71 15.07 -8.69
N GLN A 486 18.62 15.10 -7.72
CA GLN A 486 19.27 16.33 -7.25
C GLN A 486 20.72 16.03 -6.96
N LYS A 487 21.63 16.76 -7.61
CA LYS A 487 23.05 16.68 -7.29
C LYS A 487 23.33 17.30 -5.93
N GLU A 488 22.60 18.36 -5.59
CA GLU A 488 22.76 19.04 -4.31
C GLU A 488 21.43 18.98 -3.58
N LYS A 489 21.45 18.44 -2.37
CA LYS A 489 20.22 18.27 -1.58
C LYS A 489 20.12 19.39 -0.56
N LYS A 490 18.98 19.95 -0.44
CA LYS A 490 18.77 21.05 0.48
C LYS A 490 18.24 20.55 1.81
N PRO A 491 18.51 21.26 2.91
CA PRO A 491 17.93 20.86 4.19
C PRO A 491 16.41 20.97 4.16
N LEU A 492 15.76 20.02 4.82
CA LEU A 492 14.31 19.98 4.89
C LEU A 492 13.83 20.51 6.24
N PHE A 493 12.54 20.81 6.30
CA PHE A 493 11.83 21.10 7.55
C PHE A 493 11.51 19.76 8.20
N ILE A 494 12.31 19.37 9.20
CA ILE A 494 12.16 18.08 9.87
C ILE A 494 11.65 18.31 11.28
N PRO A 495 10.42 17.88 11.60
CA PRO A 495 9.92 17.95 12.99
C PRO A 495 10.40 16.75 13.78
N ILE A 496 11.03 17.00 14.91
CA ILE A 496 11.58 15.94 15.76
C ILE A 496 10.82 15.94 17.07
N SER A 497 9.86 15.04 17.20
CA SER A 497 9.17 14.89 18.47
CA SER A 497 9.15 14.87 18.46
C SER A 497 10.07 14.20 19.47
N VAL A 498 10.27 14.84 20.63
CA VAL A 498 11.28 14.39 21.58
CA VAL A 498 11.30 14.41 21.58
C VAL A 498 10.73 14.35 23.00
N GLY A 499 11.24 13.39 23.77
CA GLY A 499 11.10 13.40 25.21
C GLY A 499 12.49 13.20 25.81
N LEU A 500 12.59 13.45 27.11
CA LEU A 500 13.82 13.24 27.85
C LEU A 500 13.49 12.34 29.04
N ILE A 501 14.08 11.16 29.08
CA ILE A 501 13.76 10.16 30.09
C ILE A 501 14.81 10.24 31.20
N ASN A 502 14.33 10.35 32.43
CA ASN A 502 15.18 10.25 33.62
C ASN A 502 15.63 8.81 33.77
N PRO A 503 16.91 8.50 33.63
CA PRO A 503 17.33 7.08 33.69
C PRO A 503 17.17 6.45 35.06
N GLU A 504 16.96 7.23 36.12
CA GLU A 504 16.86 6.62 37.44
C GLU A 504 15.45 6.15 37.76
N ASN A 505 14.42 6.83 37.24
CA ASN A 505 13.05 6.43 37.53
C ASN A 505 12.19 6.25 36.30
N GLY A 506 12.72 6.46 35.10
CA GLY A 506 11.99 6.29 33.86
C GLY A 506 10.98 7.37 33.55
N LYS A 507 10.96 8.47 34.28
CA LYS A 507 9.92 9.47 34.13
C LYS A 507 10.28 10.52 33.07
N GLU A 508 9.25 11.17 32.54
CA GLU A 508 9.42 12.27 31.60
C GLU A 508 10.03 13.49 32.31
N MET A 509 11.00 14.12 31.65
CA MET A 509 11.66 15.28 32.24
C MET A 509 11.23 16.61 31.63
N ILE A 510 10.59 16.59 30.46
CA ILE A 510 10.06 17.79 29.83
C ILE A 510 8.67 17.52 29.28
N SER A 511 7.92 18.59 29.02
CA SER A 511 6.63 18.44 28.38
C SER A 511 6.80 18.09 26.91
N GLN A 512 5.67 17.74 26.27
CA GLN A 512 5.64 17.46 24.84
C GLN A 512 6.37 18.53 24.06
N THR A 513 7.32 18.11 23.23
CA THR A 513 8.20 19.03 22.53
C THR A 513 8.48 18.51 21.13
N THR A 514 8.29 19.36 20.12
CA THR A 514 8.60 19.04 18.73
C THR A 514 9.66 20.04 18.28
N LEU A 515 10.90 19.57 18.17
CA LEU A 515 11.98 20.38 17.63
C LEU A 515 11.76 20.62 16.14
N GLU A 516 11.91 21.87 15.70
CA GLU A 516 11.76 22.20 14.29
C GLU A 516 13.16 22.39 13.69
N LEU A 517 13.68 21.35 13.06
CA LEU A 517 15.00 21.42 12.45
C LEU A 517 14.81 21.92 11.03
N THR A 518 15.31 23.12 10.74
CA THR A 518 15.15 23.70 9.41
C THR A 518 16.47 24.00 8.74
N LYS A 519 17.59 23.74 9.40
CA LYS A 519 18.91 23.96 8.84
C LYS A 519 19.63 22.62 8.72
N GLU A 520 20.80 22.64 8.07
CA GLU A 520 21.56 21.41 7.96
C GLU A 520 21.96 20.91 9.34
N SER A 521 22.13 21.81 10.30
CA SER A 521 22.37 21.41 11.67
C SER A 521 21.87 22.48 12.62
N ASP A 522 21.57 22.07 13.85
CA ASP A 522 21.13 22.99 14.91
C ASP A 522 21.43 22.35 16.25
N THR A 523 21.58 23.18 17.28
CA THR A 523 21.74 22.71 18.64
C THR A 523 20.55 23.18 19.47
N PHE A 524 19.86 22.23 20.09
CA PHE A 524 18.69 22.51 20.93
C PHE A 524 19.10 22.35 22.38
N VAL A 525 18.99 23.43 23.17
CA VAL A 525 19.45 23.45 24.55
C VAL A 525 18.26 23.43 25.48
N PHE A 526 18.40 22.72 26.60
CA PHE A 526 17.36 22.61 27.61
C PHE A 526 17.96 22.93 28.97
N ASN A 527 17.35 23.87 29.68
CA ASN A 527 17.79 24.24 31.01
C ASN A 527 16.99 23.50 32.06
N ASN A 528 17.49 23.56 33.30
CA ASN A 528 16.82 22.96 34.45
C ASN A 528 16.54 21.48 34.21
N ILE A 529 17.55 20.78 33.67
CA ILE A 529 17.53 19.34 33.48
C ILE A 529 18.38 18.76 34.61
N ALA A 530 17.73 18.18 35.62
CA ALA A 530 18.38 17.94 36.90
C ALA A 530 19.38 16.78 36.87
N VAL A 531 19.23 15.85 35.93
CA VAL A 531 20.15 14.75 35.74
C VAL A 531 20.32 14.54 34.24
N LYS A 532 21.40 13.87 33.87
CA LYS A 532 21.63 13.56 32.47
C LYS A 532 20.54 12.63 31.94
N PRO A 533 19.77 13.05 30.95
CA PRO A 533 18.65 12.23 30.46
C PRO A 533 19.12 11.23 29.41
N ILE A 534 18.23 10.30 29.09
CA ILE A 534 18.32 9.54 27.86
C ILE A 534 17.30 10.13 26.90
N PRO A 535 17.70 10.63 25.73
CA PRO A 535 16.73 11.24 24.82
C PRO A 535 15.89 10.20 24.11
N SER A 536 14.61 10.52 23.99
CA SER A 536 13.61 9.73 23.28
C SER A 536 13.31 10.49 21.99
N LEU A 537 13.90 10.04 20.89
CA LEU A 537 13.97 10.82 19.64
C LEU A 537 13.03 10.31 18.56
N PHE A 538 12.36 11.26 17.89
CA PHE A 538 11.43 10.99 16.79
C PHE A 538 10.25 10.14 17.28
N ARG A 539 9.69 10.53 18.42
CA ARG A 539 8.53 9.81 18.97
C ARG A 539 7.44 9.73 17.93
N GLY A 540 6.81 8.54 17.85
CA GLY A 540 5.81 8.24 16.84
C GLY A 540 6.34 8.15 15.43
N PHE A 541 7.67 8.11 15.27
CA PHE A 541 8.39 8.24 14.00
C PHE A 541 7.97 9.53 13.29
N SER A 542 8.45 10.64 13.85
CA SER A 542 7.86 11.94 13.50
C SER A 542 8.35 12.52 12.17
N ALA A 543 9.32 11.88 11.50
CA ALA A 543 9.71 12.29 10.15
C ALA A 543 10.26 11.07 9.43
N PRO A 544 10.07 10.97 8.12
CA PRO A 544 10.49 9.76 7.39
C PRO A 544 11.97 9.79 7.04
N VAL A 545 12.79 9.45 8.04
CA VAL A 545 14.24 9.61 7.97
C VAL A 545 14.92 8.37 8.54
N TYR A 546 16.20 8.22 8.16
CA TYR A 546 17.13 7.34 8.87
C TYR A 546 17.56 8.00 10.17
N ILE A 547 17.24 7.38 11.29
CA ILE A 547 17.59 7.92 12.60
C ILE A 547 18.89 7.29 13.06
N GLU A 548 19.86 8.12 13.40
CA GLU A 548 21.13 7.66 13.95
CA GLU A 548 21.15 7.67 13.95
C GLU A 548 21.20 8.24 15.36
N ASP A 549 20.76 7.45 16.35
CA ASP A 549 20.55 8.00 17.70
C ASP A 549 21.83 8.13 18.51
N GLN A 550 22.92 7.47 18.08
CA GLN A 550 24.21 7.55 18.77
C GLN A 550 24.09 7.20 20.25
N LEU A 551 23.16 6.31 20.58
CA LEU A 551 23.00 5.85 21.95
C LEU A 551 23.76 4.54 22.15
N THR A 552 24.15 4.29 23.39
CA THR A 552 24.72 2.99 23.71
C THR A 552 23.61 1.95 23.78
N ASP A 553 24.01 0.69 23.74
CA ASP A 553 23.00 -0.34 23.89
C ASP A 553 22.39 -0.32 25.29
N GLU A 554 23.18 0.07 26.31
CA GLU A 554 22.61 0.27 27.65
C GLU A 554 21.49 1.32 27.63
N GLU A 555 21.73 2.44 26.96
CA GLU A 555 20.70 3.48 26.89
C GLU A 555 19.48 3.00 26.11
N ARG A 556 19.71 2.27 25.02
CA ARG A 556 18.59 1.76 24.23
C ARG A 556 17.76 0.75 25.02
N ILE A 557 18.44 -0.09 25.81
CA ILE A 557 17.70 -1.05 26.65
C ILE A 557 16.82 -0.30 27.65
N LEU A 558 17.33 0.79 28.23
CA LEU A 558 16.53 1.55 29.18
C LEU A 558 15.30 2.12 28.50
N LEU A 559 15.45 2.66 27.29
CA LEU A 559 14.29 3.16 26.56
C LEU A 559 13.33 2.03 26.22
N LEU A 560 13.87 0.90 25.74
CA LEU A 560 13.02 -0.25 25.43
C LEU A 560 12.18 -0.65 26.62
N LYS A 561 12.75 -0.60 27.82
CA LYS A 561 11.99 -1.02 28.99
C LYS A 561 11.06 0.06 29.52
N TYR A 562 11.49 1.32 29.49
CA TYR A 562 10.85 2.35 30.30
C TYR A 562 10.35 3.58 29.55
N ASP A 563 10.65 3.73 28.27
CA ASP A 563 10.15 4.90 27.55
C ASP A 563 8.63 4.82 27.41
N SER A 564 8.01 5.98 27.18
CA SER A 564 6.57 6.08 27.03
C SER A 564 6.11 5.91 25.59
N ASP A 565 7.01 6.03 24.63
CA ASP A 565 6.62 6.06 23.23
C ASP A 565 6.86 4.71 22.57
N ALA A 566 5.81 4.13 22.00
CA ALA A 566 5.94 2.78 21.42
C ALA A 566 6.96 2.76 20.29
N PHE A 567 6.96 3.75 19.40
CA PHE A 567 7.93 3.72 18.32
C PHE A 567 9.36 3.78 18.85
N VAL A 568 9.64 4.69 19.80
CA VAL A 568 11.03 4.80 20.25
C VAL A 568 11.46 3.51 20.95
N ARG A 569 10.55 2.85 21.67
CA ARG A 569 10.91 1.55 22.26
C ARG A 569 11.22 0.54 21.15
N TYR A 570 10.32 0.44 20.17
CA TYR A 570 10.51 -0.46 19.02
C TYR A 570 11.78 -0.10 18.25
N ASN A 571 12.06 1.19 18.08
CA ASN A 571 13.24 1.58 17.32
C ASN A 571 14.51 1.31 18.10
N SER A 572 14.46 1.48 19.43
CA SER A 572 15.64 1.22 20.22
C SER A 572 15.99 -0.26 20.13
N CYS A 573 14.98 -1.12 20.17
CA CYS A 573 15.17 -2.55 19.95
C CYS A 573 15.72 -2.83 18.56
N THR A 574 15.13 -2.21 17.54
CA THR A 574 15.63 -2.32 16.16
C THR A 574 17.11 -1.98 16.08
N ASN A 575 17.50 -0.86 16.72
CA ASN A 575 18.89 -0.39 16.66
C ASN A 575 19.84 -1.36 17.37
N ILE A 576 19.42 -1.93 18.50
CA ILE A 576 20.25 -2.96 19.15
C ILE A 576 20.44 -4.14 18.21
N TYR A 577 19.35 -4.61 17.60
CA TYR A 577 19.46 -5.71 16.65
C TYR A 577 20.39 -5.35 15.49
N MET A 578 20.21 -4.15 14.91
CA MET A 578 21.03 -3.78 13.75
C MET A 578 22.52 -3.77 14.10
N LYS A 579 22.89 -3.23 15.27
CA LYS A 579 24.29 -3.27 15.66
C LYS A 579 24.82 -4.70 15.72
N GLN A 580 24.02 -5.60 16.29
CA GLN A 580 24.40 -7.01 16.37
C GLN A 580 24.52 -7.62 14.97
N ILE A 581 23.53 -7.38 14.12
CA ILE A 581 23.49 -7.95 12.78
C ILE A 581 24.71 -7.50 11.98
N LEU A 582 25.01 -6.19 11.99
CA LEU A 582 26.14 -5.72 11.21
C LEU A 582 27.44 -6.34 11.72
N MET A 583 27.56 -6.50 13.04
CA MET A 583 28.79 -7.05 13.59
CA MET A 583 28.79 -7.06 13.61
C MET A 583 28.95 -8.52 13.21
N ASN A 584 27.92 -9.33 13.43
CA ASN A 584 28.02 -10.74 13.10
C ASN A 584 28.11 -10.96 11.60
N TYR A 585 27.40 -10.14 10.81
CA TYR A 585 27.52 -10.25 9.36
C TYR A 585 28.97 -10.10 8.93
N ASN A 586 29.66 -9.09 9.46
CA ASN A 586 31.04 -8.88 9.05
CA ASN A 586 31.05 -8.86 9.08
C ASN A 586 31.94 -10.01 9.52
N GLU A 587 31.67 -10.59 10.69
CA GLU A 587 32.46 -11.71 11.18
C GLU A 587 32.27 -12.95 10.31
N PHE A 588 31.01 -13.26 9.94
CA PHE A 588 30.75 -14.37 9.02
C PHE A 588 31.35 -14.09 7.65
N LEU A 589 31.24 -12.85 7.16
CA LEU A 589 31.78 -12.51 5.86
C LEU A 589 33.29 -12.68 5.83
N LYS A 590 33.98 -12.23 6.88
CA LYS A 590 35.42 -12.42 6.99
C LYS A 590 35.79 -13.90 6.95
N ALA A 591 35.04 -14.72 7.70
CA ALA A 591 35.34 -16.15 7.75
C ALA A 591 35.17 -16.79 6.38
N LYS A 592 34.13 -16.38 5.66
CA LYS A 592 33.91 -16.86 4.29
C LYS A 592 35.02 -16.41 3.37
N ASN A 593 35.32 -15.11 3.36
CA ASN A 593 36.31 -14.57 2.44
C ASN A 593 37.69 -15.16 2.70
N GLU A 594 38.09 -15.24 3.96
CA GLU A 594 39.42 -15.73 4.29
C GLU A 594 39.49 -17.24 4.42
N LYS A 595 38.37 -17.94 4.20
CA LYS A 595 38.32 -19.40 4.27
C LYS A 595 38.85 -19.89 5.62
N LEU A 596 38.33 -19.31 6.69
CA LEU A 596 38.84 -19.60 8.02
C LEU A 596 38.38 -20.98 8.48
N GLU A 597 39.31 -21.72 9.11
CA GLU A 597 38.99 -23.01 9.71
C GLU A 597 38.35 -22.84 11.08
N SER A 598 38.60 -21.72 11.75
CA SER A 598 37.93 -21.37 12.99
C SER A 598 37.88 -19.86 13.11
N PHE A 599 36.93 -19.37 13.89
CA PHE A 599 36.75 -17.94 14.08
C PHE A 599 35.76 -17.76 15.22
N GLN A 600 35.62 -16.51 15.68
CA GLN A 600 34.72 -16.20 16.77
C GLN A 600 33.57 -15.32 16.29
N LEU A 601 32.42 -15.49 16.92
CA LEU A 601 31.28 -14.60 16.73
C LEU A 601 31.01 -13.86 18.02
N THR A 602 30.71 -12.58 17.91
CA THR A 602 30.34 -11.78 19.08
C THR A 602 28.94 -12.15 19.55
N PRO A 603 28.76 -12.57 20.80
CA PRO A 603 27.43 -12.98 21.27
C PRO A 603 26.46 -11.81 21.38
N VAL A 604 25.17 -12.16 21.39
CA VAL A 604 24.12 -11.18 21.62
C VAL A 604 24.26 -10.62 23.03
N ASN A 605 24.04 -9.31 23.17
CA ASN A 605 24.12 -8.65 24.48
C ASN A 605 23.19 -9.31 25.49
N ALA A 606 23.74 -9.78 26.62
CA ALA A 606 22.93 -10.52 27.59
C ALA A 606 21.91 -9.63 28.29
N GLN A 607 22.23 -8.36 28.50
CA GLN A 607 21.25 -7.46 29.11
C GLN A 607 20.10 -7.18 28.16
N PHE A 608 20.37 -7.19 26.86
CA PHE A 608 19.30 -7.07 25.86
C PHE A 608 18.35 -8.26 25.95
N ILE A 609 18.92 -9.47 26.02
CA ILE A 609 18.08 -10.67 26.14
C ILE A 609 17.28 -10.62 27.43
N ASP A 610 17.91 -10.16 28.52
CA ASP A 610 17.20 -10.01 29.79
C ASP A 610 16.04 -9.03 29.66
N ALA A 611 16.23 -7.97 28.88
CA ALA A 611 15.17 -6.99 28.67
C ALA A 611 14.02 -7.58 27.88
N ILE A 612 14.31 -8.36 26.84
CA ILE A 612 13.24 -9.04 26.11
C ILE A 612 12.45 -9.93 27.05
N LYS A 613 13.14 -10.69 27.90
CA LYS A 613 12.44 -11.56 28.84
C LYS A 613 11.56 -10.75 29.79
N TYR A 614 12.10 -9.64 30.30
CA TYR A 614 11.35 -8.76 31.20
C TYR A 614 10.05 -8.28 30.56
N LEU A 615 10.12 -7.85 29.29
CA LEU A 615 8.91 -7.38 28.62
C LEU A 615 7.96 -8.53 28.33
N LEU A 616 8.48 -9.66 27.83
CA LEU A 616 7.62 -10.81 27.56
C LEU A 616 6.86 -11.26 28.80
N GLU A 617 7.52 -11.23 29.95
CA GLU A 617 6.89 -11.73 31.18
C GLU A 617 6.00 -10.70 31.86
N ASP A 618 5.93 -9.48 31.34
CA ASP A 618 5.08 -8.44 31.93
C ASP A 618 3.65 -8.63 31.47
N PRO A 619 2.72 -8.99 32.36
CA PRO A 619 1.34 -9.22 31.93
C PRO A 619 0.63 -7.95 31.49
N HIS A 620 1.13 -6.78 31.87
CA HIS A 620 0.52 -5.52 31.47
C HIS A 620 1.02 -5.03 30.13
N ALA A 621 2.00 -5.71 29.54
CA ALA A 621 2.57 -5.28 28.27
C ALA A 621 1.76 -5.85 27.10
N ASP A 622 1.87 -5.17 25.96
CA ASP A 622 1.02 -5.42 24.80
C ASP A 622 1.53 -6.57 23.95
N ALA A 623 0.63 -7.50 23.61
CA ALA A 623 1.05 -8.70 22.89
C ALA A 623 1.58 -8.40 21.50
N GLY A 624 0.97 -7.43 20.80
CA GLY A 624 1.49 -7.06 19.48
C GLY A 624 2.89 -6.49 19.56
N PHE A 625 3.14 -5.60 20.52
CA PHE A 625 4.48 -5.07 20.71
C PHE A 625 5.47 -6.18 21.00
N LYS A 626 5.06 -7.15 21.83
CA LYS A 626 5.91 -8.29 22.15
C LYS A 626 6.33 -9.05 20.91
N SER A 627 5.40 -9.25 19.96
CA SER A 627 5.77 -9.99 18.75
CA SER A 627 5.76 -9.97 18.74
CA SER A 627 5.74 -9.96 18.73
C SER A 627 6.82 -9.23 17.94
N TYR A 628 6.84 -7.89 18.02
CA TYR A 628 7.87 -7.15 17.30
C TYR A 628 9.24 -7.33 17.95
N ILE A 629 9.31 -7.36 19.28
CA ILE A 629 10.62 -7.36 19.92
C ILE A 629 11.34 -8.70 19.77
N VAL A 630 10.60 -9.80 19.57
CA VAL A 630 11.25 -11.11 19.36
C VAL A 630 11.54 -11.38 17.89
N SER A 631 11.23 -10.44 17.00
CA SER A 631 11.49 -10.59 15.57
C SER A 631 12.63 -9.67 15.16
N LEU A 632 13.58 -10.21 14.40
CA LEU A 632 14.64 -9.37 13.85
C LEU A 632 14.06 -8.41 12.83
N PRO A 633 14.75 -7.29 12.57
CA PRO A 633 14.31 -6.38 11.53
C PRO A 633 14.17 -7.08 10.20
N GLN A 634 13.22 -6.58 9.39
CA GLN A 634 13.00 -7.09 8.04
C GLN A 634 14.28 -7.11 7.23
N ASP A 635 14.42 -8.14 6.40
CA ASP A 635 15.56 -8.21 5.49
C ASP A 635 15.68 -6.94 4.64
N ARG A 636 14.56 -6.42 4.14
CA ARG A 636 14.63 -5.24 3.30
C ARG A 636 14.92 -3.96 4.08
N TYR A 637 14.78 -3.99 5.41
CA TYR A 637 15.31 -2.92 6.22
C TYR A 637 16.81 -3.07 6.39
N ILE A 638 17.27 -4.30 6.68
CA ILE A 638 18.69 -4.56 6.90
C ILE A 638 19.51 -4.17 5.68
N ILE A 639 19.01 -4.46 4.47
CA ILE A 639 19.82 -4.28 3.26
C ILE A 639 20.17 -2.82 3.03
N ASN A 640 19.40 -1.89 3.59
CA ASN A 640 19.77 -0.49 3.41
C ASN A 640 21.05 -0.14 4.14
N PHE A 641 21.57 -1.02 4.99
CA PHE A 641 22.74 -0.73 5.81
C PHE A 641 23.97 -1.53 5.42
N VAL A 642 23.90 -2.36 4.39
CA VAL A 642 25.00 -3.24 4.00
C VAL A 642 25.26 -3.07 2.51
N SER A 643 26.49 -2.76 2.15
CA SER A 643 26.89 -2.76 0.74
C SER A 643 27.24 -4.17 0.29
N ASN A 644 26.89 -4.49 -0.95
CA ASN A 644 27.24 -5.78 -1.55
C ASN A 644 26.77 -6.94 -0.67
N LEU A 645 25.51 -6.88 -0.28
CA LEU A 645 24.98 -7.81 0.71
C LEU A 645 24.98 -9.23 0.17
N ASP A 646 25.71 -10.11 0.85
CA ASP A 646 25.71 -11.54 0.59
C ASP A 646 24.54 -12.14 1.35
N THR A 647 23.51 -12.61 0.62
CA THR A 647 22.29 -13.05 1.27
C THR A 647 22.51 -14.33 2.08
N ASP A 648 23.46 -15.18 1.68
CA ASP A 648 23.79 -16.37 2.45
CA ASP A 648 23.76 -16.36 2.46
C ASP A 648 24.40 -15.99 3.79
N VAL A 649 25.30 -15.00 3.77
CA VAL A 649 25.93 -14.56 4.99
C VAL A 649 24.89 -13.92 5.91
N LEU A 650 23.96 -13.13 5.34
CA LEU A 650 22.90 -12.57 6.15
C LEU A 650 22.01 -13.66 6.75
N ALA A 651 21.68 -14.69 5.96
CA ALA A 651 20.87 -15.78 6.52
C ALA A 651 21.60 -16.46 7.66
N ASP A 652 22.91 -16.68 7.53
CA ASP A 652 23.67 -17.27 8.63
C ASP A 652 23.69 -16.33 9.84
N THR A 653 23.77 -15.02 9.59
CA THR A 653 23.78 -14.05 10.69
C THR A 653 22.48 -14.09 11.46
N LYS A 654 21.35 -14.04 10.75
CA LYS A 654 20.06 -14.10 11.41
C LYS A 654 19.92 -15.41 12.19
N GLU A 655 20.34 -16.52 11.60
CA GLU A 655 20.19 -17.81 12.26
CA GLU A 655 20.18 -17.80 12.27
C GLU A 655 20.97 -17.83 13.57
N TYR A 656 22.19 -17.29 13.56
CA TYR A 656 22.99 -17.26 14.79
C TYR A 656 22.30 -16.42 15.86
N ILE A 657 21.79 -15.25 15.49
CA ILE A 657 21.21 -14.36 16.48
C ILE A 657 19.92 -14.96 17.05
N TYR A 658 19.06 -15.50 16.19
CA TYR A 658 17.85 -16.16 16.69
C TYR A 658 18.21 -17.33 17.62
N LYS A 659 19.27 -18.09 17.28
CA LYS A 659 19.64 -19.24 18.11
C LYS A 659 20.19 -18.77 19.45
N GLN A 660 20.98 -17.70 19.44
CA GLN A 660 21.50 -17.11 20.67
C GLN A 660 20.37 -16.74 21.62
N ILE A 661 19.36 -16.06 21.10
CA ILE A 661 18.29 -15.59 21.97
C ILE A 661 17.40 -16.75 22.38
N GLY A 662 17.08 -17.65 21.44
CA GLY A 662 16.29 -18.82 21.78
C GLY A 662 16.97 -19.74 22.79
N ASP A 663 18.30 -19.89 22.70
CA ASP A 663 19.00 -20.70 23.69
C ASP A 663 18.75 -20.19 25.11
N LYS A 664 18.46 -18.91 25.26
CA LYS A 664 18.15 -18.37 26.58
C LYS A 664 16.65 -18.33 26.87
N LEU A 665 15.82 -18.02 25.86
CA LEU A 665 14.43 -17.68 26.13
C LEU A 665 13.40 -18.72 25.70
N ASN A 666 13.83 -19.85 25.12
CA ASN A 666 12.83 -20.78 24.55
C ASN A 666 11.84 -21.27 25.61
N ASP A 667 12.30 -21.52 26.84
CA ASP A 667 11.36 -21.96 27.87
C ASP A 667 10.33 -20.88 28.17
N VAL A 668 10.76 -19.61 28.17
CA VAL A 668 9.84 -18.50 28.33
C VAL A 668 8.84 -18.47 27.18
N TYR A 669 9.34 -18.59 25.95
CA TYR A 669 8.48 -18.62 24.76
C TYR A 669 7.42 -19.70 24.87
N TYR A 670 7.82 -20.92 25.26
CA TYR A 670 6.88 -22.03 25.35
C TYR A 670 5.85 -21.79 26.43
N LYS A 671 6.29 -21.31 27.59
CA LYS A 671 5.36 -21.00 28.68
C LYS A 671 4.34 -19.96 28.24
N MET A 672 4.77 -18.97 27.47
CA MET A 672 3.84 -17.94 26.99
C MET A 672 2.91 -18.50 25.92
N PHE A 673 3.46 -19.32 25.00
CA PHE A 673 2.61 -19.94 24.00
C PHE A 673 1.45 -20.69 24.64
N LYS A 674 1.73 -21.41 25.73
CA LYS A 674 0.66 -22.15 26.39
C LYS A 674 -0.26 -21.23 27.19
N SER A 675 0.28 -20.22 27.88
CA SER A 675 -0.58 -19.41 28.74
C SER A 675 -1.44 -18.43 27.96
N LEU A 676 -1.05 -18.09 26.74
CA LEU A 676 -1.85 -17.20 25.90
C LEU A 676 -3.02 -17.89 25.23
N GLU A 677 -3.05 -19.23 25.24
CA GLU A 677 -4.02 -19.96 24.42
CA GLU A 677 -4.01 -19.95 24.41
C GLU A 677 -5.45 -19.55 24.74
N ALA A 678 -5.81 -19.54 26.02
CA ALA A 678 -7.19 -19.32 26.42
C ALA A 678 -7.74 -18.02 25.85
N LYS A 679 -7.03 -16.91 26.04
CA LYS A 679 -7.54 -15.64 25.53
C LYS A 679 -7.32 -15.50 24.03
N ALA A 680 -6.19 -15.99 23.50
CA ALA A 680 -5.92 -15.80 22.08
C ALA A 680 -6.95 -16.53 21.22
N ASP A 681 -7.34 -17.74 21.61
CA ASP A 681 -8.16 -18.58 20.75
C ASP A 681 -9.62 -18.64 21.20
N ASP A 682 -10.04 -17.75 22.09
CA ASP A 682 -11.41 -17.71 22.57
C ASP A 682 -12.40 -17.69 21.42
N LEU A 683 -13.39 -18.58 21.47
CA LEU A 683 -14.35 -18.77 20.39
C LEU A 683 -15.69 -18.09 20.68
N THR A 684 -15.78 -17.32 21.77
CA THR A 684 -17.05 -16.74 22.18
C THR A 684 -17.77 -16.03 21.04
N TYR A 685 -17.02 -15.28 20.23
CA TYR A 685 -17.58 -14.45 19.17
C TYR A 685 -17.25 -14.99 17.78
N PHE A 686 -16.90 -16.28 17.67
CA PHE A 686 -16.50 -16.83 16.38
C PHE A 686 -17.59 -16.71 15.33
N ASN A 687 -18.86 -16.78 15.73
CA ASN A 687 -19.96 -16.66 14.77
C ASN A 687 -20.64 -15.29 14.81
N ASP A 688 -19.97 -14.27 15.33
CA ASP A 688 -20.42 -12.88 15.25
C ASP A 688 -19.42 -12.13 14.36
N GLU A 689 -19.83 -11.82 13.12
CA GLU A 689 -18.94 -11.11 12.20
CA GLU A 689 -18.94 -11.12 12.19
C GLU A 689 -18.78 -9.65 12.53
N SER A 690 -19.62 -9.09 13.39
CA SER A 690 -19.49 -7.69 13.76
C SER A 690 -18.47 -7.47 14.86
N HIS A 691 -18.01 -8.53 15.51
CA HIS A 691 -17.20 -8.44 16.72
C HIS A 691 -15.75 -8.73 16.36
N VAL A 692 -14.93 -7.69 16.31
CA VAL A 692 -13.53 -7.83 15.91
C VAL A 692 -12.69 -7.28 17.03
N ASP A 693 -11.76 -8.08 17.52
CA ASP A 693 -11.00 -7.75 18.71
C ASP A 693 -9.53 -7.73 18.31
N PHE A 694 -9.03 -6.52 18.08
CA PHE A 694 -7.67 -6.38 17.58
C PHE A 694 -6.63 -6.79 18.60
N ASP A 695 -6.90 -6.62 19.90
CA ASP A 695 -5.98 -7.13 20.91
CA ASP A 695 -5.98 -7.13 20.92
C ASP A 695 -5.91 -8.65 20.87
N GLN A 696 -7.06 -9.31 20.70
CA GLN A 696 -7.05 -10.77 20.62
C GLN A 696 -6.28 -11.24 19.39
N MET A 697 -6.47 -10.59 18.25
CA MET A 697 -5.69 -10.97 17.07
C MET A 697 -4.20 -10.77 17.30
N ASN A 698 -3.81 -9.73 18.06
CA ASN A 698 -2.39 -9.54 18.37
C ASN A 698 -1.88 -10.65 19.28
N MET A 699 -2.72 -11.17 20.18
CA MET A 699 -2.33 -12.32 20.98
C MET A 699 -2.07 -13.54 20.11
N ARG A 700 -2.90 -13.74 19.08
CA ARG A 700 -2.65 -14.83 18.15
C ARG A 700 -1.36 -14.59 17.36
N THR A 701 -1.13 -13.34 16.93
CA THR A 701 0.13 -13.04 16.25
C THR A 701 1.32 -13.42 17.13
N LEU A 702 1.26 -13.06 18.41
CA LEU A 702 2.35 -13.41 19.31
C LEU A 702 2.50 -14.93 19.44
N ARG A 703 1.38 -15.64 19.62
CA ARG A 703 1.46 -17.09 19.74
C ARG A 703 2.05 -17.72 18.49
N ASN A 704 1.64 -17.24 17.33
CA ASN A 704 2.13 -17.82 16.09
C ASN A 704 3.57 -17.43 15.80
N THR A 705 3.99 -16.25 16.27
CA THR A 705 5.40 -15.89 16.20
C THR A 705 6.23 -16.78 17.11
N LEU A 706 5.76 -17.00 18.34
CA LEU A 706 6.51 -17.85 19.27
C LEU A 706 6.57 -19.29 18.78
N LEU A 707 5.46 -19.80 18.22
CA LEU A 707 5.47 -21.17 17.70
C LEU A 707 6.48 -21.34 16.58
N SER A 708 6.59 -20.33 15.71
CA SER A 708 7.60 -20.37 14.65
C SER A 708 9.01 -20.42 15.24
N LEU A 709 9.30 -19.55 16.22
CA LEU A 709 10.61 -19.58 16.87
C LEU A 709 10.87 -20.94 17.50
N LEU A 710 9.86 -21.51 18.16
CA LEU A 710 10.07 -22.78 18.84
C LEU A 710 10.23 -23.93 17.85
N SER A 711 9.52 -23.88 16.72
CA SER A 711 9.62 -24.95 15.74
C SER A 711 10.97 -24.93 15.05
N LYS A 712 11.43 -23.74 14.63
CA LYS A 712 12.76 -23.62 14.05
CA LYS A 712 12.76 -23.62 14.05
C LYS A 712 13.81 -24.14 15.00
N ALA A 713 13.64 -23.91 16.29
CA ALA A 713 14.58 -24.36 17.31
C ALA A 713 14.47 -25.85 17.61
N GLN A 714 13.49 -26.56 17.04
CA GLN A 714 13.25 -27.96 17.38
C GLN A 714 13.10 -28.14 18.89
N TYR A 715 12.36 -27.23 19.51
CA TYR A 715 12.06 -27.32 20.92
C TYR A 715 11.46 -28.70 21.22
N PRO A 716 11.82 -29.33 22.32
CA PRO A 716 11.39 -30.71 22.57
C PRO A 716 9.88 -30.86 22.49
N ASN A 717 9.44 -31.82 21.68
CA ASN A 717 8.04 -32.22 21.52
C ASN A 717 7.14 -31.08 21.02
N ILE A 718 7.73 -30.04 20.41
CA ILE A 718 6.90 -28.95 19.89
C ILE A 718 5.99 -29.43 18.77
N LEU A 719 6.32 -30.54 18.11
CA LEU A 719 5.44 -31.06 17.07
C LEU A 719 4.06 -31.40 17.62
N ASN A 720 3.99 -31.85 18.88
CA ASN A 720 2.70 -32.05 19.51
C ASN A 720 1.87 -30.76 19.50
N GLU A 721 2.51 -29.63 19.80
CA GLU A 721 1.79 -28.36 19.77
C GLU A 721 1.37 -27.99 18.36
N ILE A 722 2.23 -28.29 17.38
CA ILE A 722 1.92 -27.95 15.99
C ILE A 722 0.68 -28.71 15.53
N ILE A 723 0.62 -30.01 15.83
CA ILE A 723 -0.50 -30.84 15.41
C ILE A 723 -1.79 -30.35 16.05
N GLU A 724 -1.76 -30.03 17.35
CA GLU A 724 -2.95 -29.51 18.01
C GLU A 724 -3.34 -28.15 17.43
N HIS A 725 -2.34 -27.32 17.10
CA HIS A 725 -2.62 -26.03 16.46
C HIS A 725 -3.33 -26.21 15.13
N SER A 726 -3.05 -27.30 14.41
CA SER A 726 -3.69 -27.51 13.11
C SER A 726 -5.19 -27.76 13.24
N LYS A 727 -5.66 -28.09 14.45
CA LYS A 727 -7.07 -28.35 14.67
C LYS A 727 -7.84 -27.11 15.13
N SER A 728 -7.16 -25.97 15.29
CA SER A 728 -7.84 -24.74 15.68
C SER A 728 -8.81 -24.27 14.60
N PRO A 729 -9.97 -23.72 14.99
CA PRO A 729 -10.90 -23.17 13.98
C PRO A 729 -10.39 -21.92 13.27
N TYR A 730 -9.36 -21.24 13.79
CA TYR A 730 -8.92 -19.97 13.22
C TYR A 730 -7.92 -20.22 12.10
N PRO A 731 -8.18 -19.78 10.86
CA PRO A 731 -7.21 -19.97 9.78
C PRO A 731 -5.82 -19.42 10.08
N SER A 732 -5.71 -18.32 10.83
CA SER A 732 -4.39 -17.82 11.18
C SER A 732 -3.60 -18.90 11.91
N ASN A 733 -4.27 -19.68 12.76
CA ASN A 733 -3.60 -20.75 13.48
C ASN A 733 -3.33 -21.96 12.59
N TRP A 734 -4.35 -22.47 11.87
CA TRP A 734 -4.09 -23.71 11.16
C TRP A 734 -3.22 -23.48 9.92
N LEU A 735 -3.21 -22.26 9.35
CA LEU A 735 -2.22 -22.00 8.31
C LEU A 735 -0.82 -21.84 8.94
N THR A 736 -0.73 -21.24 10.13
CA THR A 736 0.55 -21.23 10.81
C THR A 736 1.06 -22.66 11.04
N SER A 737 0.16 -23.59 11.39
CA SER A 737 0.61 -24.95 11.65
C SER A 737 1.28 -25.55 10.42
N LEU A 738 0.77 -25.25 9.23
CA LEU A 738 1.42 -25.67 8.00
C LEU A 738 2.81 -25.06 7.89
N SER A 739 2.90 -23.74 8.03
CA SER A 739 4.18 -23.04 7.91
CA SER A 739 4.17 -23.02 7.94
C SER A 739 5.23 -23.62 8.87
N VAL A 740 4.90 -23.70 10.16
CA VAL A 740 5.92 -24.13 11.12
C VAL A 740 6.19 -25.63 11.04
N SER A 741 5.30 -26.42 10.42
CA SER A 741 5.58 -27.83 10.26
C SER A 741 6.61 -28.10 9.17
N ALA A 742 7.05 -27.08 8.44
CA ALA A 742 8.08 -27.25 7.42
C ALA A 742 9.32 -27.93 7.98
N TYR A 743 9.60 -27.74 9.27
CA TYR A 743 10.78 -28.30 9.92
C TYR A 743 10.58 -29.72 10.42
N PHE A 744 9.47 -30.37 10.05
CA PHE A 744 9.16 -31.70 10.54
C PHE A 744 8.68 -32.59 9.39
N ASP A 745 8.65 -33.90 9.64
CA ASP A 745 8.24 -34.85 8.61
CA ASP A 745 8.23 -34.86 8.62
C ASP A 745 6.73 -34.87 8.41
N LYS A 746 5.97 -34.06 9.15
CA LYS A 746 4.53 -33.99 8.99
C LYS A 746 4.10 -32.87 8.05
N TYR A 747 5.05 -32.18 7.42
CA TYR A 747 4.70 -31.05 6.57
C TYR A 747 3.68 -31.43 5.50
N PHE A 748 3.93 -32.50 4.75
CA PHE A 748 3.02 -32.81 3.65
C PHE A 748 1.70 -33.36 4.13
N GLU A 749 1.66 -33.97 5.32
CA GLU A 749 0.38 -34.29 5.95
C GLU A 749 -0.42 -33.02 6.22
N LEU A 750 0.23 -31.99 6.78
CA LEU A 750 -0.50 -30.75 7.04
C LEU A 750 -0.79 -29.98 5.76
N TYR A 751 0.09 -30.09 4.76
CA TYR A 751 -0.17 -29.55 3.42
C TYR A 751 -1.50 -30.05 2.88
N ASP A 752 -1.70 -31.37 2.91
CA ASP A 752 -2.94 -31.96 2.42
C ASP A 752 -4.13 -31.56 3.30
N LYS A 753 -3.96 -31.58 4.62
CA LYS A 753 -5.06 -31.24 5.52
C LYS A 753 -5.53 -29.81 5.28
N THR A 754 -4.59 -28.87 5.21
CA THR A 754 -4.96 -27.47 5.07
C THR A 754 -5.41 -27.16 3.66
N TYR A 755 -4.91 -27.90 2.66
CA TYR A 755 -5.45 -27.71 1.31
C TYR A 755 -6.93 -28.04 1.27
N LYS A 756 -7.31 -29.18 1.84
CA LYS A 756 -8.71 -29.56 1.86
CA LYS A 756 -8.72 -29.55 1.84
CA LYS A 756 -8.71 -29.56 1.87
C LYS A 756 -9.56 -28.54 2.61
N LEU A 757 -9.01 -27.92 3.66
CA LEU A 757 -9.73 -26.88 4.38
C LEU A 757 -9.88 -25.61 3.54
N SER A 758 -8.96 -25.36 2.60
CA SER A 758 -8.89 -24.10 1.89
C SER A 758 -9.54 -24.11 0.52
N LYS A 759 -9.66 -25.29 -0.12
CA LYS A 759 -9.85 -25.33 -1.56
C LYS A 759 -11.21 -24.82 -2.02
N ASP A 760 -12.19 -24.73 -1.12
CA ASP A 760 -13.54 -24.38 -1.55
C ASP A 760 -13.90 -22.93 -1.27
N ASP A 761 -12.93 -22.12 -0.85
CA ASP A 761 -13.11 -20.67 -0.73
C ASP A 761 -12.00 -20.01 -1.51
N GLU A 762 -12.35 -19.21 -2.52
CA GLU A 762 -11.37 -18.66 -3.44
C GLU A 762 -10.27 -17.88 -2.70
N LEU A 763 -10.65 -17.09 -1.70
CA LEU A 763 -9.67 -16.24 -1.02
C LEU A 763 -8.86 -17.03 0.00
N LEU A 764 -9.51 -17.96 0.69
CA LEU A 764 -8.78 -18.84 1.60
C LEU A 764 -7.74 -19.67 0.86
N LEU A 765 -8.10 -20.17 -0.32
CA LEU A 765 -7.14 -20.94 -1.11
C LEU A 765 -5.94 -20.08 -1.50
N GLN A 766 -6.16 -18.79 -1.78
CA GLN A 766 -5.05 -17.90 -2.06
C GLN A 766 -4.19 -17.72 -0.82
N GLU A 767 -4.80 -17.71 0.36
CA GLU A 767 -4.02 -17.61 1.59
C GLU A 767 -3.22 -18.88 1.83
N TRP A 768 -3.81 -20.04 1.50
CA TRP A 768 -3.07 -21.30 1.55
C TRP A 768 -1.88 -21.27 0.60
N LEU A 769 -2.09 -20.77 -0.62
CA LEU A 769 -1.00 -20.66 -1.57
C LEU A 769 0.15 -19.81 -1.02
N LYS A 770 -0.19 -18.68 -0.39
CA LYS A 770 0.85 -17.83 0.19
C LYS A 770 1.61 -18.60 1.26
N THR A 771 0.89 -19.38 2.07
CA THR A 771 1.51 -20.12 3.17
C THR A 771 2.49 -21.14 2.63
N VAL A 772 2.11 -21.86 1.57
CA VAL A 772 3.01 -22.82 0.95
C VAL A 772 4.22 -22.09 0.37
N SER A 773 3.95 -21.02 -0.38
CA SER A 773 5.00 -20.24 -1.04
C SER A 773 6.08 -19.76 -0.08
N ARG A 774 5.70 -19.36 1.13
CA ARG A 774 6.65 -18.85 2.11
CA ARG A 774 6.68 -18.86 2.10
C ARG A 774 7.15 -19.91 3.08
N SER A 775 6.76 -21.18 2.88
CA SER A 775 7.23 -22.27 3.73
C SER A 775 8.74 -22.42 3.64
N ASP A 776 9.39 -22.60 4.79
CA ASP A 776 10.84 -22.71 4.84
C ASP A 776 11.23 -24.16 4.57
N ARG A 777 11.14 -24.53 3.30
CA ARG A 777 11.36 -25.89 2.84
C ARG A 777 12.61 -25.97 1.97
N LYS A 778 13.42 -27.01 2.19
CA LYS A 778 14.57 -27.23 1.31
C LYS A 778 14.12 -27.62 -0.09
N ASP A 779 12.95 -28.25 -0.23
CA ASP A 779 12.40 -28.66 -1.51
C ASP A 779 11.40 -27.64 -2.07
N ILE A 780 11.55 -26.36 -1.73
CA ILE A 780 10.56 -25.35 -2.12
C ILE A 780 10.43 -25.24 -3.64
N TYR A 781 11.51 -25.44 -4.39
CA TYR A 781 11.39 -25.35 -5.84
C TYR A 781 10.50 -26.45 -6.39
N GLU A 782 10.65 -27.67 -5.87
CA GLU A 782 9.77 -28.76 -6.26
C GLU A 782 8.34 -28.51 -5.79
N ILE A 783 8.18 -27.89 -4.63
CA ILE A 783 6.85 -27.54 -4.14
C ILE A 783 6.18 -26.53 -5.07
N LEU A 784 6.93 -25.50 -5.49
CA LEU A 784 6.36 -24.51 -6.40
C LEU A 784 5.92 -25.15 -7.70
N LYS A 785 6.70 -26.10 -8.22
CA LYS A 785 6.30 -26.79 -9.45
C LYS A 785 5.00 -27.55 -9.24
N LYS A 786 4.83 -28.15 -8.05
CA LYS A 786 3.59 -28.84 -7.72
C LYS A 786 2.42 -27.86 -7.68
N LEU A 787 2.60 -26.69 -7.06
CA LEU A 787 1.55 -25.68 -7.06
C LEU A 787 1.19 -25.28 -8.48
N GLU A 788 2.20 -25.10 -9.33
CA GLU A 788 1.94 -24.71 -10.71
C GLU A 788 1.10 -25.75 -11.43
N ASN A 789 1.46 -27.02 -11.27
CA ASN A 789 0.79 -28.07 -12.02
C ASN A 789 -0.58 -28.40 -11.45
N GLU A 790 -0.76 -28.29 -10.14
CA GLU A 790 -1.96 -28.82 -9.49
C GLU A 790 -2.98 -27.77 -9.10
N VAL A 791 -2.58 -26.53 -8.83
CA VAL A 791 -3.47 -25.50 -8.30
C VAL A 791 -3.50 -24.26 -9.18
N LEU A 792 -2.33 -23.68 -9.47
CA LEU A 792 -2.29 -22.40 -10.20
C LEU A 792 -2.62 -22.59 -11.67
N LYS A 793 -1.93 -23.50 -12.34
CA LYS A 793 -2.09 -23.77 -13.77
C LYS A 793 -1.97 -22.47 -14.56
N ASP A 794 -2.86 -22.22 -15.52
CA ASP A 794 -2.74 -21.02 -16.33
C ASP A 794 -3.72 -19.93 -15.89
N SER A 795 -4.03 -19.85 -14.59
CA SER A 795 -4.87 -18.78 -14.09
C SER A 795 -4.30 -17.42 -14.49
N LYS A 796 -5.19 -16.52 -14.88
CA LYS A 796 -4.81 -15.13 -15.13
C LYS A 796 -5.25 -14.22 -13.99
N ASN A 797 -5.72 -14.80 -12.88
CA ASN A 797 -6.14 -14.02 -11.73
C ASN A 797 -4.91 -13.47 -11.02
N PRO A 798 -4.73 -12.15 -10.93
CA PRO A 798 -3.53 -11.61 -10.26
C PRO A 798 -3.38 -12.10 -8.84
N ASN A 799 -4.47 -12.30 -8.11
CA ASN A 799 -4.35 -12.79 -6.74
C ASN A 799 -3.72 -14.17 -6.71
N ASP A 800 -4.02 -15.01 -7.71
CA ASP A 800 -3.45 -16.35 -7.73
C ASP A 800 -1.95 -16.29 -8.00
N ILE A 801 -1.57 -15.53 -9.02
CA ILE A 801 -0.16 -15.45 -9.42
C ILE A 801 0.66 -14.81 -8.31
N ARG A 802 0.18 -13.70 -7.74
CA ARG A 802 0.93 -13.04 -6.64
C ARG A 802 1.05 -13.97 -5.44
N ALA A 803 0.01 -14.76 -5.15
CA ALA A 803 0.06 -15.63 -3.97
C ALA A 803 1.10 -16.74 -4.14
N VAL A 804 1.23 -17.28 -5.35
CA VAL A 804 2.16 -18.39 -5.56
C VAL A 804 3.60 -17.91 -5.47
N TYR A 805 3.90 -16.72 -5.99
CA TYR A 805 5.29 -16.37 -6.25
C TYR A 805 5.88 -15.32 -5.32
N LEU A 806 5.12 -14.29 -4.92
CA LEU A 806 5.73 -13.23 -4.14
C LEU A 806 6.24 -13.65 -2.76
N PRO A 807 5.49 -14.47 -1.99
CA PRO A 807 6.05 -14.87 -0.67
C PRO A 807 7.36 -15.61 -0.79
N PHE A 808 7.46 -16.51 -1.77
CA PHE A 808 8.71 -17.23 -2.03
C PHE A 808 9.87 -16.28 -2.30
N THR A 809 9.63 -15.14 -2.97
CA THR A 809 10.74 -14.23 -3.25
C THR A 809 11.32 -13.62 -1.98
N ASN A 810 10.65 -13.75 -0.84
CA ASN A 810 11.23 -13.28 0.42
C ASN A 810 11.98 -14.37 1.16
N ASN A 811 12.11 -15.56 0.56
CA ASN A 811 12.90 -16.64 1.14
C ASN A 811 14.36 -16.30 0.87
N LEU A 812 15.04 -15.78 1.91
CA LEU A 812 16.37 -15.22 1.72
C LEU A 812 17.36 -16.27 1.21
N ARG A 813 17.32 -17.47 1.79
CA ARG A 813 18.27 -18.49 1.40
C ARG A 813 17.96 -19.11 0.04
N ARG A 814 16.69 -19.31 -0.30
CA ARG A 814 16.35 -20.09 -1.48
C ARG A 814 16.02 -19.25 -2.71
N PHE A 815 15.33 -18.13 -2.55
CA PHE A 815 15.09 -17.28 -3.72
C PHE A 815 16.41 -16.79 -4.30
N HIS A 816 17.37 -16.48 -3.41
CA HIS A 816 18.68 -15.99 -3.80
C HIS A 816 19.70 -17.12 -3.97
N ASP A 817 19.25 -18.34 -4.26
CA ASP A 817 20.16 -19.43 -4.57
C ASP A 817 21.21 -18.96 -5.56
N ILE A 818 22.48 -19.25 -5.25
CA ILE A 818 23.60 -18.70 -6.00
C ILE A 818 23.62 -19.19 -7.45
N SER A 819 22.88 -20.24 -7.78
CA SER A 819 22.74 -20.64 -9.18
C SER A 819 21.96 -19.63 -10.01
N GLY A 820 21.21 -18.74 -9.37
CA GLY A 820 20.30 -17.86 -10.07
C GLY A 820 18.96 -18.48 -10.44
N LYS A 821 18.69 -19.71 -10.00
CA LYS A 821 17.48 -20.40 -10.42
C LYS A 821 16.21 -19.68 -9.95
N GLY A 822 16.26 -19.00 -8.81
CA GLY A 822 15.09 -18.24 -8.37
C GLY A 822 14.85 -17.00 -9.20
N TYR A 823 15.93 -16.30 -9.58
CA TYR A 823 15.80 -15.16 -10.46
C TYR A 823 15.26 -15.59 -11.82
N LYS A 824 15.75 -16.73 -12.33
CA LYS A 824 15.26 -17.25 -13.59
C LYS A 824 13.78 -17.56 -13.51
N LEU A 825 13.34 -18.15 -12.39
CA LEU A 825 11.95 -18.56 -12.26
C LEU A 825 11.03 -17.34 -12.26
N ILE A 826 11.34 -16.33 -11.44
CA ILE A 826 10.46 -15.17 -11.37
CA ILE A 826 10.44 -15.18 -11.38
C ILE A 826 10.47 -14.40 -12.68
N ALA A 827 11.63 -14.33 -13.36
CA ALA A 827 11.67 -13.65 -14.65
C ALA A 827 10.80 -14.35 -15.68
N GLU A 828 10.76 -15.69 -15.65
CA GLU A 828 9.85 -16.40 -16.54
C GLU A 828 8.39 -16.06 -16.22
N VAL A 829 8.03 -15.97 -14.95
CA VAL A 829 6.66 -15.61 -14.58
C VAL A 829 6.34 -14.19 -15.02
N ILE A 830 7.29 -13.26 -14.85
CA ILE A 830 7.06 -11.87 -15.26
C ILE A 830 6.79 -11.80 -16.76
N THR A 831 7.64 -12.43 -17.56
CA THR A 831 7.48 -12.40 -19.01
C THR A 831 6.16 -13.05 -19.42
N LYS A 832 5.81 -14.17 -18.77
CA LYS A 832 4.53 -14.82 -19.07
C LYS A 832 3.36 -13.91 -18.74
N THR A 833 3.41 -13.28 -17.57
CA THR A 833 2.31 -12.42 -17.13
C THR A 833 2.20 -11.17 -17.99
N ASP A 834 3.33 -10.64 -18.47
CA ASP A 834 3.35 -9.42 -19.25
C ASP A 834 2.56 -9.55 -20.55
N LYS A 835 2.41 -10.77 -21.05
CA LYS A 835 1.62 -10.99 -22.26
C LYS A 835 0.17 -10.54 -22.10
N PHE A 836 -0.38 -10.65 -20.87
CA PHE A 836 -1.78 -10.31 -20.67
C PHE A 836 -2.03 -9.25 -19.61
N ASN A 837 -1.09 -8.98 -18.70
CA ASN A 837 -1.30 -7.97 -17.66
C ASN A 837 0.01 -7.27 -17.33
N PRO A 838 0.36 -6.24 -18.10
CA PRO A 838 1.64 -5.54 -17.87
C PRO A 838 1.76 -4.91 -16.50
N MET A 839 0.65 -4.38 -15.95
CA MET A 839 0.74 -3.78 -14.63
C MET A 839 1.15 -4.81 -13.59
N VAL A 840 0.54 -5.99 -13.62
CA VAL A 840 0.87 -7.01 -12.63
C VAL A 840 2.25 -7.61 -12.91
N ALA A 841 2.62 -7.73 -14.19
CA ALA A 841 3.98 -8.16 -14.50
C ALA A 841 5.01 -7.26 -13.85
N THR A 842 4.77 -5.96 -13.85
CA THR A 842 5.71 -5.05 -13.23
CA THR A 842 5.72 -5.04 -13.21
C THR A 842 5.69 -5.19 -11.70
N GLN A 843 4.53 -5.49 -11.11
CA GLN A 843 4.50 -5.75 -9.68
C GLN A 843 5.37 -6.95 -9.34
N LEU A 844 5.39 -7.95 -10.21
CA LEU A 844 6.16 -9.17 -9.96
C LEU A 844 7.66 -8.92 -10.10
N CYS A 845 8.06 -7.76 -10.61
CA CYS A 845 9.48 -7.37 -10.61
C CYS A 845 10.00 -6.96 -9.25
N GLU A 846 9.15 -6.89 -8.23
CA GLU A 846 9.55 -6.34 -6.94
C GLU A 846 10.86 -6.89 -6.39
N PRO A 847 11.13 -8.20 -6.41
CA PRO A 847 12.39 -8.69 -5.83
C PRO A 847 13.63 -8.14 -6.51
N PHE A 848 13.53 -7.70 -7.77
CA PHE A 848 14.69 -7.16 -8.46
C PHE A 848 15.02 -5.73 -8.03
N LYS A 849 14.17 -5.07 -7.24
CA LYS A 849 14.40 -3.67 -6.93
C LYS A 849 15.72 -3.46 -6.17
N LEU A 850 16.20 -4.47 -5.46
CA LEU A 850 17.42 -4.37 -4.67
C LEU A 850 18.65 -4.93 -5.37
N TRP A 851 18.58 -5.16 -6.69
CA TRP A 851 19.60 -5.93 -7.38
C TRP A 851 21.00 -5.36 -7.19
N ASN A 852 21.14 -4.04 -7.22
CA ASN A 852 22.49 -3.47 -7.15
C ASN A 852 22.97 -3.31 -5.71
N LYS A 853 22.20 -3.81 -4.73
CA LYS A 853 22.62 -3.82 -3.34
C LYS A 853 23.21 -5.16 -2.90
N LEU A 854 23.16 -6.18 -3.75
CA LEU A 854 23.60 -7.51 -3.41
C LEU A 854 25.09 -7.69 -3.71
N ASP A 855 25.62 -8.84 -3.31
CA ASP A 855 26.99 -9.19 -3.67
C ASP A 855 27.15 -9.25 -5.18
N THR A 856 28.38 -9.10 -5.65
CA THR A 856 28.58 -8.89 -7.09
C THR A 856 28.13 -10.08 -7.92
N LYS A 857 28.22 -11.30 -7.40
CA LYS A 857 27.72 -12.44 -8.17
C LYS A 857 26.21 -12.36 -8.35
N ARG A 858 25.48 -12.07 -7.28
CA ARG A 858 24.03 -12.00 -7.40
C ARG A 858 23.60 -10.77 -8.19
N GLN A 859 24.35 -9.66 -8.12
CA GLN A 859 24.08 -8.53 -9.00
C GLN A 859 24.09 -8.96 -10.45
N GLU A 860 25.16 -9.68 -10.85
CA GLU A 860 25.30 -10.15 -12.23
C GLU A 860 24.15 -11.07 -12.61
N LEU A 861 23.78 -11.99 -11.72
CA LEU A 861 22.70 -12.93 -12.02
C LEU A 861 21.37 -12.21 -12.21
N MET A 862 21.04 -11.27 -11.32
CA MET A 862 19.80 -10.53 -11.47
C MET A 862 19.81 -9.68 -12.73
N LEU A 863 20.92 -8.98 -12.98
CA LEU A 863 21.00 -8.12 -14.16
C LEU A 863 20.85 -8.94 -15.43
N ASN A 864 21.42 -10.14 -15.45
CA ASN A 864 21.26 -10.99 -16.63
CA ASN A 864 21.27 -11.00 -16.63
C ASN A 864 19.80 -11.31 -16.89
N GLU A 865 19.03 -11.62 -15.84
CA GLU A 865 17.62 -11.92 -16.05
C GLU A 865 16.85 -10.67 -16.47
N MET A 866 17.19 -9.51 -15.90
CA MET A 866 16.51 -8.30 -16.32
C MET A 866 16.83 -7.96 -17.78
N ASN A 867 18.08 -8.17 -18.21
CA ASN A 867 18.40 -7.90 -19.60
C ASN A 867 17.72 -8.90 -20.52
N THR A 868 17.58 -10.15 -20.07
CA THR A 868 16.81 -11.14 -20.83
C THR A 868 15.35 -10.69 -21.00
N MET A 869 14.74 -10.24 -19.91
CA MET A 869 13.36 -9.73 -20.00
C MET A 869 13.27 -8.54 -20.95
N LEU A 870 14.27 -7.65 -20.90
CA LEU A 870 14.25 -6.46 -21.75
C LEU A 870 14.38 -6.78 -23.22
N GLN A 871 14.94 -7.94 -23.56
CA GLN A 871 15.14 -8.33 -24.95
CA GLN A 871 15.14 -8.32 -24.95
C GLN A 871 13.93 -9.07 -25.52
N GLU A 872 12.90 -9.33 -24.72
CA GLU A 872 11.70 -9.98 -25.25
C GLU A 872 11.05 -9.08 -26.30
N PRO A 873 10.86 -9.55 -27.52
CA PRO A 873 10.31 -8.67 -28.56
C PRO A 873 8.93 -8.14 -28.24
N GLN A 874 8.13 -8.89 -27.48
CA GLN A 874 6.76 -8.51 -27.18
C GLN A 874 6.61 -7.80 -25.85
N ILE A 875 7.71 -7.29 -25.28
CA ILE A 875 7.64 -6.64 -23.97
C ILE A 875 6.69 -5.45 -23.98
N SER A 876 5.95 -5.29 -22.90
CA SER A 876 5.00 -4.20 -22.79
C SER A 876 5.70 -2.87 -22.55
N ASN A 877 4.95 -1.78 -22.78
CA ASN A 877 5.46 -0.46 -22.44
C ASN A 877 5.77 -0.36 -20.95
N ASN A 878 4.86 -0.86 -20.09
CA ASN A 878 5.05 -0.83 -18.64
C ASN A 878 6.36 -1.49 -18.24
N LEU A 879 6.54 -2.73 -18.67
CA LEU A 879 7.67 -3.52 -18.18
C LEU A 879 8.98 -2.99 -18.74
N LYS A 880 8.97 -2.58 -20.01
CA LYS A 880 10.18 -2.04 -20.62
C LYS A 880 10.63 -0.77 -19.89
N GLU A 881 9.72 0.16 -19.65
CA GLU A 881 10.15 1.41 -19.04
C GLU A 881 10.60 1.18 -17.60
N TYR A 882 9.94 0.27 -16.89
CA TYR A 882 10.33 -0.04 -15.51
C TYR A 882 11.73 -0.63 -15.46
N LEU A 883 12.00 -1.63 -16.31
CA LEU A 883 13.30 -2.30 -16.26
C LEU A 883 14.40 -1.40 -16.79
N LEU A 884 14.10 -0.52 -17.75
CA LEU A 884 15.11 0.43 -18.19
C LEU A 884 15.53 1.35 -17.05
N ARG A 885 14.55 1.89 -16.31
CA ARG A 885 14.87 2.71 -15.15
C ARG A 885 15.60 1.92 -14.09
N LEU A 886 15.17 0.68 -13.82
CA LEU A 886 15.75 -0.09 -12.73
C LEU A 886 17.18 -0.49 -13.02
N THR A 887 17.50 -0.80 -14.28
CA THR A 887 18.85 -1.21 -14.64
C THR A 887 19.74 -0.05 -15.04
N ASN A 888 19.28 1.19 -14.85
CA ASN A 888 20.10 2.38 -15.14
C ASN A 888 20.56 2.39 -16.60
N LYS A 889 19.63 2.09 -17.51
CA LYS A 889 19.99 2.07 -18.93
C LYS A 889 19.91 3.47 -19.53
#